data_4BOC
#
_entry.id   4BOC
#
_cell.length_a   225.190
_cell.length_b   225.190
_cell.length_c   225.190
_cell.angle_alpha   90.00
_cell.angle_beta   90.00
_cell.angle_gamma   90.00
#
_symmetry.space_group_name_H-M   'I 2 3'
#
loop_
_entity.id
_entity.type
_entity.pdbx_description
1 polymer 'DNA-DIRECTED RNA POLYMERASE, MITOCHONDRIAL'
2 polymer "5'-D(*CP*AP*TP*GP*GP*GP*GP*TP*AP*AP*TP*TP*AP*TP *TP*TP*CP*GP*AP*CP*GP*CP*CP*AP*GP*AP*CP*G)-3'"
3 polymer "5'-R(*AP*GP*UP*CP*UP*GP*CP*GP*GP*CP*GP*CP*GP*CP)-3'"
4 polymer "5'-D(*CP*GP*TP*CP*TP*GP*GP*CP*GP*TP*GP*CP*GP*CP *GP*CP*CP*GP*CP*TP*AP*CP*CP*CP*CP*AP*TP*G)-3'"
5 water water
#
loop_
_entity_poly.entity_id
_entity_poly.type
_entity_poly.pdbx_seq_one_letter_code
_entity_poly.pdbx_strand_id
1 'polypeptide(L)'
;MGHHHHHHGEFKALTRRLQVEPRLLSKQMAGCLEDCTRQAPESPWEEQLARLLQEAPGKLSLDVEQAPSGQHSQAQLSGQ
QQRLLAFFKCCLLTDQLPLAHHLLVVHHGQRQKRKLLTLDMYNAVMLGWARQGAFKELVYVLFMVKDAGLTPDLLSYAAA
LQCMGRQDQDAGTIERCLEQMSQEGLKLQALFTAVLLSEEDRATVLKAVHKVKPTFSLPPQLPPPVNTSKLLRDVYAKDG
RVSYPKLHLPLKTLQCLFEKQLHMELASRVCVVSVEKPTLPSKEVKHARKTLKTLRDQWEKALCRALRETKNRLEREVYE
GRFSLYPFLCLLDEREVVRMLLQVLQALPAQGESFTTLARELSARTFSRHVVQRQRVSGQVQALQNHYRKYLCLLASDAE
VPEPCLPRQYWEELGAPEALREQPWPLPVQMELGKLLAEMLVQATQMPCSLDKPHRSSRLVPVLYHVYSFRNVQQIGILK
PHPAYVQLLEKAAEPTLTFEAVDVPMLCPPLPWTSPHSGAFLLSPTKLMRTVEGATQHQELLETCPPTALHGALDALTQL
GNCAWRVNGRVLDLVLQLFQAKGCPQLGVPAPPSEAPQPPEAHLPHSAAPARKAELRRELAHCQKVAREMHSLRAEALYR
LSLAQHLRDRVFWLPHNMDFRGRTYPCPPHFNHLGSDVARALLEFAQGRPLGPHGLDWLKIHLVNLTGLKKREPLRKRLA
FAEEVMDDILDSADQPLTGRKWWMGAEEPWQTLACCMEVANAVRASDPAAYVSHLPVHQDGSCNGLQHYAALGRDSVGAA
SVNLEPSDVPQDVYSGVAAQVEVFRRQDAQRGMRVAQVLEGFITRKVVKQTVMTVVYGVTRYGGRLQIEKRLRELSDFPQ
EFVWEASHYLVRQVFKSLQEMFSGTRAIQHWLTESARLISHMGSVVEWVTPLGVPVIQPYRLDSKVKQIGGGIQSITYTH
NGDISRKPNTRKQKNGFPPNFIHSLDSSHMMLTALHCYRKGLTFVSVHDCYWTHAADVSVMNQVCREQFVRLHSEPILQD
LSRFLVKRFCSEPQKILEASQLKETLQAVPKPGAFDLEQVKRSTYFFS
;
A
2 'polydeoxyribonucleotide'
;(DC)(DA)(DT)(DG)(DG)(DG)(DG)(DT)(DA)(DA)(DT)(DT)(DA)(DT)(DT)(DT)(DC)(DG)(DA)(DC)
(DG)(DC)(DC)(DA)(DG)(DA)(DC)(DG)
;
N
3 'polyribonucleotide' AGUCUGCGGCGCGC R
4 'polydeoxyribonucleotide'
;(DC)(DG)(DT)(DC)(DT)(DG)(DG)(DC)(DG)(DT)(DG)(DC)(DG)(DC)(DG)(DC)(DC)(DG)(DC)(DT)
(DA)(DC)(DC)(DC)(DC)(DA)(DT)(DG)
;
T
#
loop_
_chem_comp.id
_chem_comp.type
_chem_comp.name
_chem_comp.formula
A RNA linking ADENOSINE-5'-MONOPHOSPHATE 'C10 H14 N5 O7 P'
C RNA linking CYTIDINE-5'-MONOPHOSPHATE 'C9 H14 N3 O8 P'
DA DNA linking 2'-DEOXYADENOSINE-5'-MONOPHOSPHATE 'C10 H14 N5 O6 P'
DC DNA linking 2'-DEOXYCYTIDINE-5'-MONOPHOSPHATE 'C9 H14 N3 O7 P'
DG DNA linking 2'-DEOXYGUANOSINE-5'-MONOPHOSPHATE 'C10 H14 N5 O7 P'
DT DNA linking THYMIDINE-5'-MONOPHOSPHATE 'C10 H15 N2 O8 P'
G RNA linking GUANOSINE-5'-MONOPHOSPHATE 'C10 H14 N5 O8 P'
U RNA linking URIDINE-5'-MONOPHOSPHATE 'C9 H13 N2 O9 P'
#
# COMPACT_ATOMS: atom_id res chain seq x y z
N GLN A 76 5.71 19.46 26.62
CA GLN A 76 6.56 20.06 25.60
C GLN A 76 7.65 19.09 25.12
N LEU A 77 7.44 18.47 23.95
CA LEU A 77 8.39 17.52 23.32
C LEU A 77 9.50 18.27 22.57
N SER A 78 10.70 17.65 22.45
CA SER A 78 11.85 18.25 21.76
C SER A 78 12.59 17.24 20.91
N GLY A 79 13.32 17.74 19.91
CA GLY A 79 14.14 16.93 19.01
C GLY A 79 15.17 16.10 19.74
N GLN A 80 15.87 16.73 20.70
CA GLN A 80 16.88 16.11 21.55
C GLN A 80 16.22 15.19 22.58
N GLN A 81 15.07 15.62 23.16
CA GLN A 81 14.31 14.83 24.14
C GLN A 81 13.80 13.53 23.52
N GLN A 82 13.32 13.60 22.25
CA GLN A 82 12.83 12.47 21.47
C GLN A 82 13.94 11.46 21.30
N ARG A 83 15.18 11.95 21.02
CA ARG A 83 16.40 11.15 20.85
C ARG A 83 16.77 10.44 22.17
N LEU A 84 16.82 11.19 23.29
CA LEU A 84 17.16 10.68 24.61
C LEU A 84 16.17 9.63 25.09
N LEU A 85 14.85 9.91 24.97
CA LEU A 85 13.81 8.95 25.38
C LEU A 85 13.94 7.65 24.58
N ALA A 86 14.19 7.77 23.24
CA ALA A 86 14.37 6.65 22.32
C ALA A 86 15.60 5.84 22.75
N PHE A 87 16.69 6.52 23.16
CA PHE A 87 17.94 5.90 23.64
C PHE A 87 17.66 5.02 24.87
N PHE A 88 16.95 5.56 25.88
CA PHE A 88 16.65 4.82 27.10
C PHE A 88 15.78 3.58 26.82
N LYS A 89 14.71 3.73 26.00
CA LYS A 89 13.81 2.65 25.58
C LYS A 89 14.57 1.56 24.81
N CYS A 90 15.55 1.96 24.00
CA CYS A 90 16.40 1.07 23.21
C CYS A 90 17.26 0.18 24.08
N CYS A 91 17.77 0.73 25.20
CA CYS A 91 18.60 0.01 26.16
C CYS A 91 17.82 -1.09 26.89
N LEU A 92 16.47 -1.02 26.88
CA LEU A 92 15.63 -2.07 27.48
C LEU A 92 15.61 -3.28 26.54
N LEU A 93 15.61 -3.02 25.22
CA LEU A 93 15.62 -4.04 24.18
C LEU A 93 17.00 -4.71 24.13
N THR A 94 18.07 -3.94 24.36
CA THR A 94 19.46 -4.47 24.34
C THR A 94 19.95 -4.94 25.72
N ASP A 95 19.23 -4.59 26.80
CA ASP A 95 19.52 -4.87 28.23
C ASP A 95 20.88 -4.25 28.64
N GLN A 96 21.16 -3.06 28.11
CA GLN A 96 22.37 -2.29 28.35
C GLN A 96 22.03 -1.23 29.41
N LEU A 97 21.57 -1.71 30.58
CA LEU A 97 21.15 -0.86 31.68
C LEU A 97 22.29 -0.07 32.32
N PRO A 98 23.52 -0.61 32.49
CA PRO A 98 24.61 0.22 33.04
C PRO A 98 24.98 1.40 32.13
N LEU A 99 24.86 1.23 30.80
CA LEU A 99 25.08 2.27 29.78
C LEU A 99 23.95 3.31 29.86
N ALA A 100 22.66 2.85 29.89
CA ALA A 100 21.49 3.74 29.97
C ALA A 100 21.53 4.56 31.25
N HIS A 101 21.84 3.92 32.39
CA HIS A 101 21.93 4.53 33.71
C HIS A 101 23.00 5.64 33.75
N HIS A 102 24.21 5.37 33.21
CA HIS A 102 25.33 6.29 33.14
C HIS A 102 24.96 7.59 32.45
N LEU A 103 24.31 7.50 31.28
CA LEU A 103 23.85 8.67 30.52
C LEU A 103 22.83 9.48 31.33
N LEU A 104 21.91 8.80 32.02
CA LEU A 104 20.89 9.41 32.85
C LEU A 104 21.54 10.18 34.01
N VAL A 105 22.49 9.52 34.70
CA VAL A 105 23.26 10.06 35.83
C VAL A 105 24.06 11.30 35.40
N VAL A 106 24.78 11.21 34.26
CA VAL A 106 25.57 12.30 33.71
C VAL A 106 24.66 13.52 33.43
N HIS A 107 23.51 13.28 32.78
CA HIS A 107 22.50 14.29 32.44
C HIS A 107 21.90 14.93 33.68
N HIS A 108 21.56 14.12 34.70
CA HIS A 108 21.00 14.61 35.96
C HIS A 108 22.00 15.48 36.75
N GLY A 109 23.27 15.05 36.81
CA GLY A 109 24.35 15.74 37.50
C GLY A 109 24.77 17.10 36.93
N GLN A 110 24.36 17.40 35.69
CA GLN A 110 24.65 18.67 35.02
C GLN A 110 23.43 19.57 35.02
N ARG A 111 23.61 20.82 35.50
CA ARG A 111 22.62 21.89 35.64
C ARG A 111 21.72 22.08 34.39
N GLN A 112 22.34 22.33 33.22
CA GLN A 112 21.62 22.60 31.96
C GLN A 112 21.08 21.36 31.26
N LYS A 113 21.66 20.17 31.56
CA LYS A 113 21.23 18.88 30.98
C LYS A 113 20.05 18.26 31.74
N ARG A 114 20.00 18.37 33.09
CA ARG A 114 18.94 17.82 33.97
C ARG A 114 17.52 18.19 33.52
N LYS A 115 17.33 19.45 33.05
CA LYS A 115 16.07 20.03 32.56
C LYS A 115 15.56 19.29 31.32
N LEU A 116 16.49 18.76 30.49
CA LEU A 116 16.21 17.98 29.27
C LEU A 116 15.59 16.62 29.59
N LEU A 117 15.84 16.07 30.81
CA LEU A 117 15.28 14.77 31.24
C LEU A 117 13.80 14.87 31.60
N THR A 118 13.07 13.77 31.43
CA THR A 118 11.62 13.68 31.71
C THR A 118 11.34 12.43 32.54
N LEU A 119 10.20 12.42 33.28
CA LEU A 119 9.75 11.29 34.09
C LEU A 119 9.72 9.99 33.28
N ASP A 120 9.32 10.05 31.98
CA ASP A 120 9.27 8.90 31.07
C ASP A 120 10.65 8.29 30.84
N MET A 121 11.70 9.15 30.78
CA MET A 121 13.11 8.77 30.60
C MET A 121 13.66 8.06 31.84
N TYR A 122 13.43 8.65 33.04
CA TYR A 122 13.84 8.08 34.32
C TYR A 122 13.17 6.71 34.48
N ASN A 123 11.85 6.64 34.22
CA ASN A 123 11.00 5.45 34.24
C ASN A 123 11.51 4.32 33.38
N ALA A 124 12.03 4.64 32.16
CA ALA A 124 12.55 3.66 31.21
C ALA A 124 13.68 2.88 31.87
N VAL A 125 14.70 3.61 32.40
CA VAL A 125 15.87 3.06 33.11
C VAL A 125 15.38 2.30 34.36
N MET A 126 14.40 2.87 35.08
CA MET A 126 13.78 2.29 36.27
C MET A 126 13.15 0.91 35.97
N LEU A 127 12.39 0.79 34.87
CA LEU A 127 11.76 -0.46 34.44
C LEU A 127 12.80 -1.50 34.00
N GLY A 128 13.91 -1.03 33.44
CA GLY A 128 15.02 -1.88 33.00
C GLY A 128 15.74 -2.55 34.15
N TRP A 129 15.93 -1.81 35.26
CA TRP A 129 16.55 -2.34 36.46
C TRP A 129 15.58 -3.30 37.18
N ALA A 130 14.27 -2.96 37.18
CA ALA A 130 13.19 -3.77 37.76
C ALA A 130 13.21 -5.19 37.16
N ARG A 131 13.35 -5.27 35.83
CA ARG A 131 13.45 -6.50 35.04
C ARG A 131 14.70 -7.32 35.43
N GLN A 132 15.77 -6.64 35.87
CA GLN A 132 16.99 -7.33 36.28
C GLN A 132 16.94 -7.72 37.78
N GLY A 133 15.99 -7.15 38.52
CA GLY A 133 15.86 -7.35 39.96
C GLY A 133 16.86 -6.48 40.71
N ALA A 134 17.30 -5.40 40.05
CA ALA A 134 18.28 -4.45 40.59
C ALA A 134 17.57 -3.36 41.39
N PHE A 135 17.20 -3.70 42.64
CA PHE A 135 16.49 -2.82 43.57
C PHE A 135 17.30 -1.59 43.97
N LYS A 136 18.61 -1.77 44.26
CA LYS A 136 19.52 -0.68 44.64
C LYS A 136 19.60 0.39 43.56
N GLU A 137 19.61 -0.03 42.27
CA GLU A 137 19.68 0.88 41.13
C GLU A 137 18.34 1.55 40.86
N LEU A 138 17.22 0.80 41.02
CA LEU A 138 15.85 1.29 40.87
C LEU A 138 15.59 2.40 41.88
N VAL A 139 16.00 2.16 43.16
CA VAL A 139 15.90 3.10 44.29
C VAL A 139 16.70 4.38 43.97
N TYR A 140 17.93 4.23 43.41
CA TYR A 140 18.77 5.37 43.03
C TYR A 140 18.13 6.27 41.95
N VAL A 141 17.40 5.66 41.00
CA VAL A 141 16.69 6.36 39.93
C VAL A 141 15.48 7.12 40.54
N LEU A 142 14.80 6.51 41.56
CA LEU A 142 13.67 7.10 42.29
C LEU A 142 14.11 8.35 43.03
N PHE A 143 15.36 8.37 43.53
CA PHE A 143 15.99 9.48 44.22
C PHE A 143 16.11 10.65 43.24
N MET A 144 16.70 10.40 42.05
CA MET A 144 16.91 11.36 40.97
C MET A 144 15.59 12.03 40.51
N VAL A 145 14.50 11.22 40.39
CA VAL A 145 13.14 11.67 40.03
C VAL A 145 12.65 12.71 41.04
N LYS A 146 12.72 12.40 42.35
CA LYS A 146 12.32 13.29 43.45
C LYS A 146 13.25 14.52 43.52
N ASP A 147 14.52 14.33 43.20
CA ASP A 147 15.58 15.36 43.20
C ASP A 147 15.43 16.34 42.02
N ALA A 148 14.83 15.88 40.90
CA ALA A 148 14.66 16.61 39.62
C ALA A 148 13.97 18.02 39.66
N GLY A 149 12.89 18.28 40.41
CA GLY A 149 12.16 17.40 41.34
C GLY A 149 10.75 17.05 40.91
N LEU A 150 10.63 15.95 40.17
CA LEU A 150 9.37 15.42 39.64
C LEU A 150 8.65 14.53 40.67
N THR A 151 7.53 13.92 40.25
CA THR A 151 6.70 13.05 41.07
C THR A 151 6.50 11.69 40.40
N PRO A 152 6.60 10.57 41.17
CA PRO A 152 6.40 9.25 40.55
C PRO A 152 4.94 8.98 40.12
N ASP A 153 4.77 8.36 38.95
CA ASP A 153 3.45 8.01 38.40
C ASP A 153 3.20 6.49 38.44
N LEU A 154 2.15 6.00 37.75
CA LEU A 154 1.78 4.59 37.69
C LEU A 154 2.92 3.66 37.22
N LEU A 155 3.68 4.07 36.17
CA LEU A 155 4.82 3.30 35.64
C LEU A 155 5.96 3.19 36.65
N SER A 156 6.22 4.27 37.43
CA SER A 156 7.25 4.29 38.48
C SER A 156 6.93 3.23 39.51
N TYR A 157 5.65 3.19 39.97
CA TYR A 157 5.14 2.23 40.97
C TYR A 157 5.05 0.80 40.43
N ALA A 158 4.73 0.64 39.14
CA ALA A 158 4.67 -0.67 38.49
C ALA A 158 6.08 -1.27 38.41
N ALA A 159 7.11 -0.42 38.14
CA ALA A 159 8.52 -0.82 38.05
C ALA A 159 9.01 -1.33 39.40
N ALA A 160 8.77 -0.56 40.49
CA ALA A 160 9.16 -0.90 41.85
C ALA A 160 8.55 -2.22 42.31
N LEU A 161 7.22 -2.42 42.08
CA LEU A 161 6.48 -3.64 42.43
C LEU A 161 7.01 -4.87 41.70
N GLN A 162 7.37 -4.71 40.41
CA GLN A 162 7.93 -5.74 39.54
C GLN A 162 9.24 -6.24 40.13
N CYS A 163 10.07 -5.29 40.60
CA CYS A 163 11.36 -5.54 41.23
C CYS A 163 11.16 -6.24 42.58
N MET A 164 10.08 -5.87 43.30
CA MET A 164 9.75 -6.46 44.59
C MET A 164 9.26 -7.90 44.44
N GLY A 165 8.42 -8.16 43.42
CA GLY A 165 7.93 -9.49 43.11
C GLY A 165 9.05 -10.41 42.66
N ARG A 166 9.86 -9.94 41.68
CA ARG A 166 11.00 -10.67 41.11
C ARG A 166 12.06 -11.02 42.16
N GLN A 167 12.39 -10.09 43.08
CA GLN A 167 13.38 -10.35 44.14
C GLN A 167 12.76 -10.98 45.38
N ASP A 168 11.42 -11.16 45.37
CA ASP A 168 10.63 -11.72 46.47
C ASP A 168 10.87 -10.92 47.78
N GLN A 169 10.56 -9.62 47.72
CA GLN A 169 10.70 -8.69 48.84
C GLN A 169 9.66 -8.98 49.92
N ASP A 170 9.93 -8.51 51.14
CA ASP A 170 9.04 -8.65 52.30
C ASP A 170 7.74 -7.87 52.07
N ALA A 171 6.66 -8.30 52.74
CA ALA A 171 5.35 -7.65 52.63
C ALA A 171 5.35 -6.20 53.14
N GLY A 172 6.22 -5.90 54.11
CA GLY A 172 6.38 -4.57 54.70
C GLY A 172 6.80 -3.49 53.70
N THR A 173 7.74 -3.83 52.78
CA THR A 173 8.25 -2.93 51.74
C THR A 173 7.20 -2.72 50.66
N ILE A 174 6.43 -3.79 50.35
CA ILE A 174 5.37 -3.76 49.35
C ILE A 174 4.20 -2.90 49.85
N GLU A 175 3.72 -3.15 51.10
CA GLU A 175 2.63 -2.39 51.74
C GLU A 175 2.90 -0.88 51.75
N ARG A 176 4.16 -0.50 52.04
CA ARG A 176 4.64 0.89 52.09
C ARG A 176 4.60 1.56 50.71
N CYS A 177 4.91 0.79 49.65
CA CYS A 177 4.88 1.22 48.24
C CYS A 177 3.41 1.39 47.80
N LEU A 178 2.52 0.48 48.25
CA LEU A 178 1.08 0.51 47.95
C LEU A 178 0.35 1.63 48.66
N GLU A 179 0.91 2.12 49.77
CA GLU A 179 0.34 3.21 50.55
C GLU A 179 0.94 4.56 50.19
N GLN A 180 2.19 4.60 49.68
CA GLN A 180 2.81 5.83 49.18
C GLN A 180 2.11 6.20 47.86
N MET A 181 1.57 5.17 47.16
CA MET A 181 0.80 5.25 45.92
C MET A 181 -0.56 5.91 46.18
N SER A 182 -1.21 5.52 47.30
CA SER A 182 -2.51 6.03 47.73
C SER A 182 -2.45 7.50 48.13
N GLN A 183 -1.31 7.94 48.68
CA GLN A 183 -1.06 9.32 49.11
C GLN A 183 -0.88 10.26 47.91
N GLU A 184 -0.32 9.73 46.79
CA GLU A 184 -0.12 10.48 45.54
C GLU A 184 -1.47 10.65 44.83
N GLY A 185 -2.46 9.85 45.26
CA GLY A 185 -3.81 9.84 44.72
C GLY A 185 -3.97 8.79 43.64
N LEU A 186 -2.91 7.99 43.40
CA LEU A 186 -2.88 6.93 42.40
C LEU A 186 -3.62 5.68 42.87
N LYS A 187 -4.28 4.99 41.93
CA LYS A 187 -5.06 3.78 42.20
C LYS A 187 -4.36 2.52 41.69
N LEU A 188 -4.43 1.43 42.49
CA LEU A 188 -3.83 0.12 42.22
C LEU A 188 -4.40 -0.52 40.94
N GLN A 189 -5.73 -0.38 40.73
CA GLN A 189 -6.42 -0.93 39.56
C GLN A 189 -6.24 -0.07 38.30
N ALA A 190 -5.85 1.22 38.48
CA ALA A 190 -5.59 2.15 37.38
C ALA A 190 -4.24 1.85 36.71
N LEU A 191 -3.36 1.11 37.43
CA LEU A 191 -2.03 0.69 37.00
C LEU A 191 -2.10 -0.38 35.91
N PHE A 192 -2.90 -1.44 36.10
CA PHE A 192 -3.04 -2.54 35.14
C PHE A 192 -3.80 -2.17 33.85
N THR A 193 -4.49 -1.02 33.85
CA THR A 193 -5.24 -0.53 32.69
C THR A 193 -4.44 0.50 31.88
N ALA A 194 -3.77 1.46 32.55
CA ALA A 194 -3.01 2.54 31.92
C ALA A 194 -1.53 2.24 31.61
N VAL A 195 -0.93 1.21 32.24
CA VAL A 195 0.48 0.87 32.01
C VAL A 195 0.65 -0.27 30.99
N LEU A 196 1.51 -0.04 29.98
CA LEU A 196 1.88 -0.99 28.92
C LEU A 196 2.93 -1.95 29.50
N LEU A 197 2.53 -3.22 29.71
CA LEU A 197 3.40 -4.24 30.32
C LEU A 197 3.32 -5.58 29.58
N SER A 198 4.44 -6.32 29.57
CA SER A 198 4.52 -7.67 28.97
C SER A 198 3.84 -8.68 29.91
N GLU A 199 3.58 -9.93 29.46
CA GLU A 199 2.96 -10.94 30.33
C GLU A 199 3.87 -11.32 31.51
N GLU A 200 5.20 -11.10 31.34
CA GLU A 200 6.22 -11.32 32.38
C GLU A 200 6.17 -10.13 33.35
N ASP A 201 6.12 -8.89 32.82
CA ASP A 201 6.02 -7.65 33.59
C ASP A 201 4.72 -7.60 34.41
N ARG A 202 3.59 -8.11 33.84
CA ARG A 202 2.28 -8.17 34.48
C ARG A 202 2.31 -9.17 35.64
N ALA A 203 2.88 -10.38 35.38
CA ALA A 203 3.01 -11.50 36.34
C ALA A 203 3.79 -11.17 37.60
N THR A 204 4.97 -10.52 37.46
CA THR A 204 5.85 -10.16 38.59
C THR A 204 5.24 -9.10 39.52
N VAL A 205 4.47 -8.14 38.95
CA VAL A 205 3.79 -7.08 39.71
C VAL A 205 2.68 -7.71 40.57
N LEU A 206 1.92 -8.67 40.00
CA LEU A 206 0.83 -9.37 40.66
C LEU A 206 1.31 -10.20 41.86
N LYS A 207 2.47 -10.89 41.70
CA LYS A 207 3.11 -11.72 42.72
C LYS A 207 3.40 -10.89 43.98
N ALA A 208 3.82 -9.61 43.78
CA ALA A 208 4.11 -8.65 44.84
C ALA A 208 2.82 -8.17 45.56
N VAL A 209 1.77 -7.85 44.79
CA VAL A 209 0.47 -7.38 45.29
C VAL A 209 -0.24 -8.50 46.07
N HIS A 210 -0.21 -9.74 45.55
CA HIS A 210 -0.82 -10.92 46.19
C HIS A 210 -0.18 -11.30 47.55
N LYS A 211 0.93 -10.64 47.91
CA LYS A 211 1.66 -10.82 49.18
C LYS A 211 1.07 -9.91 50.27
N VAL A 212 0.55 -8.72 49.88
CA VAL A 212 -0.08 -7.74 50.81
C VAL A 212 -1.61 -7.81 50.70
N LYS A 213 -2.13 -7.78 49.45
CA LYS A 213 -3.55 -7.90 49.15
C LYS A 213 -3.75 -9.23 48.40
N PRO A 214 -3.94 -10.36 49.12
CA PRO A 214 -4.10 -11.66 48.41
C PRO A 214 -5.43 -11.80 47.69
N THR A 215 -6.47 -11.05 48.14
CA THR A 215 -7.79 -11.05 47.51
C THR A 215 -7.93 -9.83 46.59
N PHE A 216 -6.95 -9.65 45.68
CA PHE A 216 -6.91 -8.61 44.67
C PHE A 216 -7.15 -9.31 43.34
N SER A 217 -8.30 -9.03 42.72
CA SER A 217 -8.68 -9.65 41.45
C SER A 217 -8.81 -8.62 40.34
N LEU A 218 -8.23 -8.96 39.17
CA LEU A 218 -8.27 -8.16 37.94
C LEU A 218 -9.72 -8.15 37.37
N PRO A 219 -10.15 -7.14 36.56
CA PRO A 219 -11.54 -7.14 36.05
C PRO A 219 -11.96 -8.42 35.30
N PRO A 220 -13.22 -8.90 35.46
CA PRO A 220 -13.63 -10.12 34.75
C PRO A 220 -13.65 -9.95 33.23
N GLN A 221 -12.89 -10.80 32.53
CA GLN A 221 -12.73 -10.81 31.07
C GLN A 221 -12.61 -12.29 30.54
N LEU A 222 -12.60 -12.58 29.21
CA LEU A 222 -12.58 -11.68 28.04
C LEU A 222 -13.76 -11.93 27.05
N PRO A 223 -14.97 -11.35 27.25
CA PRO A 223 -16.06 -11.57 26.27
C PRO A 223 -15.86 -10.66 25.04
N PRO A 224 -15.59 -11.20 23.82
CA PRO A 224 -15.35 -10.31 22.67
C PRO A 224 -16.61 -9.72 22.04
N PRO A 225 -16.61 -8.41 21.67
CA PRO A 225 -17.83 -7.80 21.11
C PRO A 225 -17.95 -7.85 19.58
N VAL A 226 -19.19 -8.03 19.10
CA VAL A 226 -19.50 -8.04 17.66
C VAL A 226 -19.94 -6.65 17.20
N ASN A 227 -19.60 -6.27 15.94
CA ASN A 227 -19.98 -4.97 15.37
C ASN A 227 -21.49 -4.96 15.11
N THR A 228 -22.20 -3.94 15.66
CA THR A 228 -23.67 -3.80 15.55
C THR A 228 -24.13 -2.72 14.55
N SER A 229 -23.20 -2.15 13.75
CA SER A 229 -23.43 -1.12 12.71
C SER A 229 -24.63 -1.48 11.83
N LYS A 230 -25.42 -0.48 11.42
CA LYS A 230 -26.61 -0.66 10.57
C LYS A 230 -26.33 -1.59 9.37
N LEU A 231 -25.22 -1.33 8.66
CA LEU A 231 -24.84 -2.05 7.43
C LEU A 231 -23.99 -3.31 7.65
N LEU A 232 -23.29 -3.39 8.79
CA LEU A 232 -22.41 -4.51 9.15
C LEU A 232 -23.06 -5.55 10.06
N ARG A 233 -24.23 -5.23 10.66
CA ARG A 233 -24.98 -6.09 11.59
C ARG A 233 -25.14 -7.52 11.09
N ASP A 234 -25.66 -7.71 9.85
CA ASP A 234 -25.89 -9.02 9.24
C ASP A 234 -24.64 -9.73 8.74
N VAL A 235 -23.46 -9.09 8.88
CA VAL A 235 -22.18 -9.67 8.49
C VAL A 235 -21.66 -10.51 9.66
N TYR A 236 -21.92 -10.04 10.90
CA TYR A 236 -21.44 -10.65 12.13
C TYR A 236 -22.48 -11.43 12.90
N ALA A 237 -23.79 -11.17 12.66
CA ALA A 237 -24.91 -11.87 13.29
C ALA A 237 -24.86 -13.38 13.02
N LYS A 238 -25.06 -14.19 14.08
CA LYS A 238 -25.06 -15.65 14.03
C LYS A 238 -26.29 -16.15 13.28
N ASP A 239 -27.36 -15.33 13.31
CA ASP A 239 -28.66 -15.55 12.65
C ASP A 239 -28.49 -15.40 11.11
N GLY A 240 -28.45 -16.55 10.43
CA GLY A 240 -28.28 -16.65 8.98
C GLY A 240 -27.46 -17.85 8.58
N ARG A 241 -27.70 -18.36 7.36
CA ARG A 241 -26.99 -19.52 6.80
C ARG A 241 -25.72 -19.09 6.06
N VAL A 242 -24.55 -19.33 6.68
CA VAL A 242 -23.25 -19.01 6.08
C VAL A 242 -22.69 -20.19 5.32
N SER A 243 -21.99 -19.90 4.23
CA SER A 243 -21.35 -20.88 3.37
C SER A 243 -19.93 -20.40 3.03
N TYR A 244 -19.16 -19.94 4.06
CA TYR A 244 -17.79 -19.43 3.90
C TYR A 244 -16.89 -20.36 3.07
N PRO A 245 -16.15 -19.82 2.07
CA PRO A 245 -15.32 -20.69 1.23
C PRO A 245 -14.07 -21.21 1.92
N LYS A 246 -13.59 -22.36 1.44
CA LYS A 246 -12.39 -23.03 1.88
C LYS A 246 -11.47 -23.19 0.67
N LEU A 247 -10.16 -23.34 0.93
CA LEU A 247 -9.18 -23.53 -0.14
C LEU A 247 -9.22 -24.97 -0.71
N HIS A 248 -8.66 -25.15 -1.91
CA HIS A 248 -8.55 -26.42 -2.62
C HIS A 248 -7.39 -27.27 -2.04
N LEU A 249 -6.52 -26.64 -1.21
CA LEU A 249 -5.33 -27.27 -0.62
C LEU A 249 -5.57 -27.91 0.75
N PRO A 250 -5.02 -29.15 0.97
CA PRO A 250 -5.17 -29.80 2.29
C PRO A 250 -4.31 -29.14 3.38
N LEU A 251 -4.62 -29.44 4.65
CA LEU A 251 -3.97 -28.91 5.84
C LEU A 251 -2.45 -29.07 5.85
N LYS A 252 -1.94 -30.31 5.61
CA LYS A 252 -0.49 -30.60 5.59
C LYS A 252 0.26 -29.82 4.50
N THR A 253 -0.41 -29.56 3.36
CA THR A 253 0.17 -28.80 2.25
C THR A 253 0.35 -27.36 2.69
N LEU A 254 -0.70 -26.76 3.29
CA LEU A 254 -0.70 -25.38 3.78
C LEU A 254 0.31 -25.11 4.89
N GLN A 255 0.59 -26.11 5.73
CA GLN A 255 1.59 -26.00 6.79
C GLN A 255 3.00 -25.87 6.19
N CYS A 256 3.30 -26.61 5.10
CA CYS A 256 4.58 -26.55 4.37
C CYS A 256 4.76 -25.20 3.74
N LEU A 257 3.67 -24.66 3.17
CA LEU A 257 3.63 -23.34 2.55
C LEU A 257 3.90 -22.29 3.62
N PHE A 258 3.30 -22.45 4.83
CA PHE A 258 3.56 -21.58 5.97
C PHE A 258 5.02 -21.62 6.36
N GLU A 259 5.63 -22.81 6.36
CA GLU A 259 7.04 -22.97 6.70
C GLU A 259 7.94 -22.30 5.68
N LYS A 260 7.60 -22.38 4.38
CA LYS A 260 8.37 -21.79 3.26
C LYS A 260 8.39 -20.26 3.33
N GLN A 261 7.21 -19.66 3.68
CA GLN A 261 7.04 -18.23 3.84
C GLN A 261 7.81 -17.78 5.04
N LEU A 262 7.69 -18.53 6.16
CA LEU A 262 8.40 -18.23 7.41
C LEU A 262 9.90 -18.17 7.22
N HIS A 263 10.46 -19.14 6.48
CA HIS A 263 11.87 -19.24 6.12
C HIS A 263 12.35 -18.02 5.31
N MET A 264 11.50 -17.56 4.36
CA MET A 264 11.72 -16.43 3.45
C MET A 264 11.79 -15.10 4.24
N GLU A 265 10.90 -14.95 5.23
CA GLU A 265 10.80 -13.77 6.06
C GLU A 265 11.94 -13.67 7.07
N LEU A 266 12.42 -14.82 7.56
CA LEU A 266 13.55 -14.89 8.49
C LEU A 266 14.82 -14.39 7.80
N ALA A 267 15.00 -14.74 6.52
CA ALA A 267 16.13 -14.30 5.71
C ALA A 267 16.01 -12.83 5.30
N SER A 268 14.76 -12.30 5.20
CA SER A 268 14.41 -10.92 4.82
C SER A 268 14.62 -10.63 3.33
N ARG A 269 15.09 -11.65 2.59
CA ARG A 269 15.46 -11.64 1.18
C ARG A 269 14.81 -12.79 0.39
N VAL A 270 14.60 -12.55 -0.92
CA VAL A 270 14.13 -13.53 -1.90
C VAL A 270 15.05 -13.40 -3.10
N CYS A 271 15.65 -14.51 -3.50
CA CYS A 271 16.49 -14.53 -4.69
C CYS A 271 15.75 -15.17 -5.84
N VAL A 272 15.59 -14.40 -6.91
CA VAL A 272 14.84 -14.74 -8.10
C VAL A 272 15.77 -14.74 -9.32
N VAL A 273 15.64 -15.73 -10.21
CA VAL A 273 16.42 -15.80 -11.45
C VAL A 273 15.90 -14.72 -12.44
N SER A 274 16.80 -13.90 -12.99
CA SER A 274 16.44 -12.88 -13.96
C SER A 274 15.98 -13.54 -15.27
N VAL A 275 14.93 -12.99 -15.91
CA VAL A 275 14.41 -13.47 -17.19
C VAL A 275 15.12 -12.81 -18.37
N GLU A 276 16.17 -12.03 -18.09
CA GLU A 276 16.99 -11.36 -19.10
C GLU A 276 17.97 -12.37 -19.72
N LYS A 277 18.66 -11.94 -20.82
CA LYS A 277 19.75 -12.59 -21.57
C LYS A 277 19.47 -14.09 -21.88
N PRO A 278 20.47 -15.02 -22.01
CA PRO A 278 21.93 -14.87 -21.89
C PRO A 278 22.62 -14.62 -23.24
N THR A 279 23.11 -13.37 -23.48
CA THR A 279 23.80 -13.05 -24.75
C THR A 279 25.07 -12.21 -24.46
N LEU A 280 26.15 -12.91 -24.04
CA LEU A 280 27.47 -12.33 -23.68
C LEU A 280 28.53 -13.46 -23.63
N PRO A 281 29.76 -13.24 -24.17
CA PRO A 281 30.78 -14.32 -24.14
C PRO A 281 31.32 -14.66 -22.75
N SER A 282 31.57 -15.96 -22.52
CA SER A 282 32.01 -16.54 -21.26
C SER A 282 33.36 -16.06 -20.72
N LYS A 283 34.33 -15.73 -21.59
CA LYS A 283 35.65 -15.26 -21.12
C LYS A 283 35.59 -13.89 -20.44
N GLU A 284 34.66 -13.06 -20.91
CA GLU A 284 34.36 -11.72 -20.38
C GLU A 284 33.72 -11.93 -19.00
N VAL A 285 32.58 -12.65 -18.98
CA VAL A 285 31.74 -12.99 -17.82
C VAL A 285 32.55 -13.65 -16.68
N LYS A 286 33.28 -14.75 -16.96
CA LYS A 286 34.09 -15.51 -15.99
C LYS A 286 35.02 -14.62 -15.17
N HIS A 287 35.81 -13.76 -15.85
CA HIS A 287 36.76 -12.83 -15.22
C HIS A 287 36.04 -11.75 -14.42
N ALA A 288 34.94 -11.22 -14.98
CA ALA A 288 34.12 -10.19 -14.34
C ALA A 288 33.51 -10.72 -13.04
N ARG A 289 33.06 -11.99 -13.04
CA ARG A 289 32.50 -12.67 -11.86
C ARG A 289 33.56 -12.90 -10.82
N LYS A 290 34.76 -13.37 -11.22
CA LYS A 290 35.90 -13.65 -10.34
C LYS A 290 36.39 -12.38 -9.60
N THR A 291 36.42 -11.22 -10.31
CA THR A 291 36.82 -9.90 -9.80
C THR A 291 35.80 -9.43 -8.75
N LEU A 292 34.52 -9.58 -9.08
CA LEU A 292 33.38 -9.19 -8.25
C LEU A 292 33.29 -10.01 -6.95
N LYS A 293 33.50 -11.35 -7.02
CA LYS A 293 33.48 -12.25 -5.85
C LYS A 293 34.57 -11.81 -4.87
N THR A 294 35.78 -11.51 -5.38
CA THR A 294 36.93 -11.05 -4.61
C THR A 294 36.64 -9.70 -3.92
N LEU A 295 36.07 -8.73 -4.68
CA LEU A 295 35.73 -7.41 -4.16
C LEU A 295 34.67 -7.51 -3.09
N ARG A 296 33.70 -8.42 -3.28
CA ARG A 296 32.62 -8.67 -2.34
C ARG A 296 33.13 -9.29 -1.04
N ASP A 297 34.22 -10.11 -1.12
CA ASP A 297 34.89 -10.72 0.06
C ASP A 297 35.59 -9.60 0.84
N GLN A 298 36.19 -8.63 0.10
CA GLN A 298 36.87 -7.46 0.64
C GLN A 298 35.88 -6.53 1.34
N TRP A 299 34.70 -6.25 0.72
CA TRP A 299 33.69 -5.37 1.31
C TRP A 299 33.05 -5.95 2.56
N GLU A 300 32.79 -7.27 2.58
CA GLU A 300 32.22 -7.96 3.74
C GLU A 300 33.11 -7.75 4.97
N LYS A 301 34.43 -8.04 4.83
CA LYS A 301 35.45 -7.87 5.87
C LYS A 301 35.53 -6.42 6.34
N ALA A 302 35.61 -5.47 5.37
CA ALA A 302 35.69 -4.03 5.57
C ALA A 302 34.50 -3.52 6.35
N LEU A 303 33.28 -3.96 5.98
CA LEU A 303 32.04 -3.57 6.62
C LEU A 303 31.90 -4.13 8.03
N CYS A 304 32.39 -5.37 8.27
CA CYS A 304 32.38 -5.99 9.61
C CYS A 304 33.23 -5.15 10.54
N ARG A 305 34.44 -4.76 10.06
CA ARG A 305 35.42 -3.91 10.74
C ARG A 305 34.86 -2.49 10.99
N ALA A 306 34.26 -1.87 9.96
CA ALA A 306 33.67 -0.53 10.03
C ALA A 306 32.54 -0.48 11.07
N LEU A 307 31.69 -1.53 11.13
CA LEU A 307 30.58 -1.62 12.07
C LEU A 307 31.04 -1.69 13.51
N ARG A 308 32.08 -2.51 13.79
CA ARG A 308 32.63 -2.61 15.16
C ARG A 308 33.30 -1.32 15.58
N GLU A 309 34.04 -0.65 14.64
CA GLU A 309 34.73 0.63 14.89
C GLU A 309 33.69 1.74 15.16
N THR A 310 32.57 1.73 14.41
CA THR A 310 31.49 2.70 14.61
C THR A 310 30.86 2.47 15.99
N LYS A 311 30.59 1.20 16.34
CA LYS A 311 30.01 0.82 17.62
C LYS A 311 30.89 1.26 18.77
N ASN A 312 32.23 1.15 18.62
CA ASN A 312 33.20 1.59 19.63
C ASN A 312 33.18 3.11 19.77
N ARG A 313 33.20 3.88 18.65
CA ARG A 313 33.12 5.35 18.67
C ARG A 313 31.86 5.82 19.41
N LEU A 314 30.69 5.28 19.01
CA LEU A 314 29.39 5.64 19.60
C LEU A 314 29.29 5.25 21.08
N GLU A 315 29.89 4.12 21.47
CA GLU A 315 29.91 3.66 22.86
C GLU A 315 30.63 4.69 23.70
N ARG A 316 31.76 5.21 23.16
CA ARG A 316 32.62 6.19 23.82
C ARG A 316 31.92 7.55 24.00
N GLU A 317 30.99 7.90 23.11
CA GLU A 317 30.18 9.13 23.23
C GLU A 317 29.23 9.02 24.43
N VAL A 318 28.74 7.80 24.74
CA VAL A 318 27.86 7.55 25.88
C VAL A 318 28.66 7.57 27.18
N TYR A 319 29.96 7.18 27.13
CA TYR A 319 30.83 7.20 28.31
C TYR A 319 31.05 8.65 28.75
N GLU A 320 31.05 9.58 27.78
CA GLU A 320 31.02 11.03 28.00
C GLU A 320 29.49 11.26 28.08
N GLY A 321 29.02 12.40 28.54
CA GLY A 321 27.57 12.52 28.73
C GLY A 321 26.66 12.64 27.53
N ARG A 322 27.10 12.15 26.36
CA ARG A 322 26.37 12.35 25.12
C ARG A 322 25.59 11.17 24.56
N PHE A 323 24.44 11.49 23.96
CA PHE A 323 23.58 10.57 23.24
C PHE A 323 24.35 10.14 21.97
N SER A 324 24.14 8.89 21.54
CA SER A 324 24.70 8.33 20.32
C SER A 324 23.80 7.19 19.93
N LEU A 325 23.83 6.82 18.65
CA LEU A 325 23.01 5.73 18.13
C LEU A 325 23.49 4.32 18.54
N TYR A 326 24.48 4.24 19.47
CA TYR A 326 25.07 3.00 19.96
C TYR A 326 24.05 1.86 20.28
N PRO A 327 23.01 2.04 21.15
CA PRO A 327 22.10 0.92 21.43
C PRO A 327 21.28 0.50 20.21
N PHE A 328 21.08 1.42 19.23
CA PHE A 328 20.33 1.13 18.02
C PHE A 328 21.07 0.17 17.11
N LEU A 329 22.39 0.28 17.04
CA LEU A 329 23.26 -0.62 16.27
C LEU A 329 23.37 -1.98 16.95
N CYS A 330 23.06 -2.03 18.26
CA CYS A 330 23.08 -3.23 19.09
C CYS A 330 21.76 -4.02 19.04
N LEU A 331 20.82 -3.64 18.17
CA LEU A 331 19.50 -4.29 18.04
C LEU A 331 19.52 -5.45 17.04
N LEU A 332 20.46 -5.42 16.10
CA LEU A 332 20.55 -6.43 15.07
C LEU A 332 21.94 -7.03 15.01
N ASP A 333 22.00 -8.37 14.78
CA ASP A 333 23.25 -9.12 14.63
C ASP A 333 24.16 -8.41 13.60
N GLU A 334 25.44 -8.27 13.92
CA GLU A 334 26.42 -7.61 13.05
C GLU A 334 26.52 -8.26 11.68
N ARG A 335 26.34 -9.59 11.62
CA ARG A 335 26.35 -10.36 10.37
C ARG A 335 25.11 -9.96 9.50
N GLU A 336 23.94 -9.69 10.16
CA GLU A 336 22.71 -9.26 9.49
C GLU A 336 22.82 -7.83 8.96
N VAL A 337 23.50 -6.96 9.70
CA VAL A 337 23.68 -5.56 9.28
C VAL A 337 24.55 -5.51 8.02
N VAL A 338 25.65 -6.29 8.01
CA VAL A 338 26.57 -6.38 6.87
C VAL A 338 25.85 -7.02 5.67
N ARG A 339 25.06 -8.11 5.89
CA ARG A 339 24.31 -8.75 4.81
C ARG A 339 23.34 -7.77 4.17
N MET A 340 22.70 -6.92 5.00
CA MET A 340 21.73 -5.89 4.59
C MET A 340 22.41 -4.81 3.74
N LEU A 341 23.57 -4.32 4.17
CA LEU A 341 24.32 -3.30 3.46
C LEU A 341 24.86 -3.81 2.12
N LEU A 342 25.34 -5.08 2.09
CA LEU A 342 25.82 -5.74 0.87
C LEU A 342 24.70 -5.94 -0.14
N GLN A 343 23.45 -6.19 0.34
CA GLN A 343 22.26 -6.34 -0.48
C GLN A 343 21.96 -4.98 -1.15
N VAL A 344 21.93 -3.90 -0.35
CA VAL A 344 21.71 -2.52 -0.79
C VAL A 344 22.78 -2.07 -1.81
N LEU A 345 24.05 -2.47 -1.62
CA LEU A 345 25.13 -2.13 -2.56
C LEU A 345 24.93 -2.76 -3.94
N GLN A 346 24.59 -4.06 -3.98
CA GLN A 346 24.38 -4.85 -5.20
C GLN A 346 23.20 -4.29 -6.03
N ALA A 347 22.16 -3.83 -5.35
CA ALA A 347 20.94 -3.34 -5.97
C ALA A 347 20.87 -1.82 -6.17
N LEU A 348 21.87 -1.06 -5.68
CA LEU A 348 21.86 0.39 -5.84
C LEU A 348 21.80 0.77 -7.32
N PRO A 349 20.81 1.61 -7.74
CA PRO A 349 20.72 1.94 -9.17
C PRO A 349 21.93 2.72 -9.67
N ALA A 350 22.38 2.37 -10.89
CA ALA A 350 23.53 2.94 -11.60
C ALA A 350 23.49 4.46 -11.68
N GLN A 351 22.31 5.05 -11.94
CA GLN A 351 22.09 6.49 -12.02
C GLN A 351 22.24 7.17 -10.65
N GLY A 352 22.09 6.37 -9.59
CA GLY A 352 22.17 6.83 -8.22
C GLY A 352 20.83 6.87 -7.51
N GLU A 353 20.87 7.20 -6.23
CA GLU A 353 19.68 7.27 -5.38
C GLU A 353 19.82 8.44 -4.40
N SER A 354 18.70 9.16 -4.17
CA SER A 354 18.57 10.24 -3.20
C SER A 354 19.06 9.67 -1.87
N PHE A 355 20.08 10.31 -1.28
CA PHE A 355 20.72 9.94 -0.01
C PHE A 355 19.68 9.77 1.10
N THR A 356 18.71 10.69 1.16
CA THR A 356 17.57 10.74 2.07
C THR A 356 16.70 9.49 1.96
N THR A 357 16.37 9.10 0.71
CA THR A 357 15.55 7.93 0.40
C THR A 357 16.27 6.69 0.90
N LEU A 358 17.57 6.59 0.57
CA LEU A 358 18.45 5.50 0.98
C LEU A 358 18.52 5.40 2.50
N ALA A 359 18.63 6.55 3.18
CA ALA A 359 18.66 6.67 4.64
C ALA A 359 17.35 6.11 5.24
N ARG A 360 16.18 6.53 4.70
CA ARG A 360 14.88 6.03 5.15
C ARG A 360 14.75 4.50 4.98
N GLU A 361 15.23 3.98 3.83
CA GLU A 361 15.17 2.56 3.53
C GLU A 361 16.07 1.77 4.44
N LEU A 362 17.35 2.22 4.61
CA LEU A 362 18.31 1.56 5.50
C LEU A 362 17.82 1.47 6.93
N SER A 363 17.08 2.50 7.39
CA SER A 363 16.49 2.54 8.73
C SER A 363 15.32 1.56 8.85
N ALA A 364 14.50 1.47 7.80
CA ALA A 364 13.33 0.57 7.72
C ALA A 364 13.75 -0.89 7.64
N ARG A 365 14.84 -1.20 6.92
CA ARG A 365 15.36 -2.56 6.78
C ARG A 365 16.00 -3.04 8.09
N THR A 366 16.61 -2.13 8.86
CA THR A 366 17.21 -2.43 10.17
C THR A 366 16.10 -2.73 11.18
N PHE A 367 15.10 -1.84 11.28
CA PHE A 367 13.96 -2.02 12.18
C PHE A 367 13.21 -3.31 11.91
N SER A 368 12.92 -3.61 10.63
CA SER A 368 12.21 -4.81 10.18
C SER A 368 12.98 -6.06 10.59
N ARG A 369 14.30 -6.11 10.31
CA ARG A 369 15.16 -7.25 10.68
C ARG A 369 15.32 -7.43 12.20
N HIS A 370 15.31 -6.31 12.98
CA HIS A 370 15.40 -6.36 14.45
C HIS A 370 14.11 -6.95 15.04
N VAL A 371 12.95 -6.56 14.48
CA VAL A 371 11.64 -7.07 14.89
C VAL A 371 11.63 -8.62 14.70
N VAL A 372 12.07 -9.09 13.52
CA VAL A 372 12.17 -10.51 13.18
C VAL A 372 13.10 -11.21 14.16
N GLN A 373 14.30 -10.62 14.42
CA GLN A 373 15.29 -11.18 15.35
C GLN A 373 14.73 -11.30 16.76
N ARG A 374 14.00 -10.27 17.23
CA ARG A 374 13.38 -10.28 18.57
C ARG A 374 12.40 -11.45 18.72
N GLN A 375 11.57 -11.72 17.70
CA GLN A 375 10.59 -12.81 17.71
C GLN A 375 11.28 -14.18 17.70
N ARG A 376 12.29 -14.30 16.82
CA ARG A 376 13.16 -15.44 16.62
C ARG A 376 13.77 -15.94 17.94
N VAL A 377 14.31 -15.00 18.75
CA VAL A 377 14.99 -15.28 20.03
C VAL A 377 14.07 -15.34 21.27
N SER A 378 12.78 -14.93 21.16
CA SER A 378 11.86 -14.89 22.30
C SER A 378 10.77 -15.96 22.30
N GLY A 379 10.83 -16.89 21.35
CA GLY A 379 9.87 -17.98 21.22
C GLY A 379 8.58 -17.62 20.51
N GLN A 380 8.46 -16.36 20.03
CA GLN A 380 7.29 -15.84 19.32
C GLN A 380 7.04 -16.50 17.96
N VAL A 381 8.11 -16.96 17.28
CA VAL A 381 8.05 -17.65 15.99
C VAL A 381 7.40 -19.03 16.23
N GLN A 382 7.89 -19.78 17.24
CA GLN A 382 7.36 -21.07 17.65
C GLN A 382 5.89 -20.94 18.08
N ALA A 383 5.53 -19.82 18.74
CA ALA A 383 4.17 -19.50 19.16
C ALA A 383 3.31 -19.21 17.95
N LEU A 384 3.87 -18.50 16.92
CA LEU A 384 3.17 -18.20 15.66
C LEU A 384 2.91 -19.50 14.90
N GLN A 385 3.93 -20.42 14.85
CA GLN A 385 3.82 -21.72 14.19
C GLN A 385 2.68 -22.53 14.75
N ASN A 386 2.55 -22.60 16.09
CA ASN A 386 1.49 -23.36 16.74
C ASN A 386 0.11 -22.75 16.49
N HIS A 387 0.02 -21.41 16.54
CA HIS A 387 -1.22 -20.64 16.33
C HIS A 387 -1.72 -20.76 14.88
N TYR A 388 -0.85 -20.44 13.90
CA TYR A 388 -1.16 -20.47 12.47
C TYR A 388 -1.52 -21.88 11.98
N ARG A 389 -0.84 -22.93 12.52
CA ARG A 389 -1.10 -24.31 12.12
C ARG A 389 -2.47 -24.80 12.59
N LYS A 390 -3.01 -24.18 13.66
CA LYS A 390 -4.36 -24.46 14.18
C LYS A 390 -5.35 -23.65 13.35
N TYR A 391 -4.99 -22.40 13.05
CA TYR A 391 -5.79 -21.47 12.26
C TYR A 391 -6.16 -22.01 10.89
N LEU A 392 -5.22 -22.70 10.23
CA LEU A 392 -5.36 -23.30 8.89
C LEU A 392 -6.52 -24.30 8.74
N CYS A 393 -7.08 -24.82 9.85
CA CYS A 393 -8.21 -25.74 9.82
C CYS A 393 -9.47 -25.09 9.25
N LEU A 394 -9.61 -23.78 9.46
CA LEU A 394 -10.71 -22.96 8.94
C LEU A 394 -10.64 -22.84 7.41
N LEU A 395 -9.42 -22.81 6.87
CA LEU A 395 -9.07 -22.63 5.46
C LEU A 395 -8.95 -23.93 4.65
N ALA A 396 -8.27 -24.96 5.22
CA ALA A 396 -7.95 -26.25 4.60
C ALA A 396 -9.17 -27.04 4.13
N SER A 397 -9.03 -27.77 3.01
CA SER A 397 -10.10 -28.58 2.41
C SER A 397 -10.47 -29.79 3.25
N ASP A 398 -9.46 -30.46 3.82
CA ASP A 398 -9.56 -31.67 4.63
C ASP A 398 -9.62 -31.37 6.15
N ALA A 399 -10.19 -30.20 6.54
CA ALA A 399 -10.28 -29.82 7.95
C ALA A 399 -11.54 -29.02 8.25
N GLU A 400 -12.12 -29.23 9.45
CA GLU A 400 -13.34 -28.56 9.92
C GLU A 400 -13.06 -27.75 11.21
N VAL A 401 -13.92 -26.77 11.50
CA VAL A 401 -13.85 -25.95 12.74
C VAL A 401 -15.10 -26.21 13.61
N PRO A 402 -15.07 -25.93 14.95
CA PRO A 402 -16.26 -26.23 15.78
C PRO A 402 -17.53 -25.51 15.35
N GLU A 403 -17.45 -24.17 15.16
CA GLU A 403 -18.55 -23.30 14.74
C GLU A 403 -18.11 -22.46 13.54
N PRO A 404 -19.00 -22.09 12.59
CA PRO A 404 -18.57 -21.25 11.46
C PRO A 404 -18.19 -19.84 11.94
N CYS A 405 -17.15 -19.24 11.32
CA CYS A 405 -16.64 -17.91 11.65
C CYS A 405 -15.71 -17.37 10.56
N LEU A 406 -15.37 -16.06 10.66
CA LEU A 406 -14.48 -15.39 9.71
C LEU A 406 -13.02 -15.62 10.12
N PRO A 407 -12.06 -15.58 9.16
CA PRO A 407 -10.64 -15.79 9.51
C PRO A 407 -10.12 -15.04 10.75
N ARG A 408 -10.47 -13.74 10.90
CA ARG A 408 -10.06 -12.90 12.03
C ARG A 408 -10.65 -13.41 13.35
N GLN A 409 -11.92 -13.84 13.31
CA GLN A 409 -12.65 -14.37 14.47
C GLN A 409 -12.02 -15.64 15.00
N TYR A 410 -11.67 -16.59 14.09
CA TYR A 410 -10.98 -17.84 14.44
C TYR A 410 -9.55 -17.58 14.91
N TRP A 411 -8.84 -16.61 14.28
CA TRP A 411 -7.47 -16.26 14.68
C TRP A 411 -7.49 -15.78 16.14
N GLU A 412 -8.42 -14.88 16.49
CA GLU A 412 -8.58 -14.33 17.84
C GLU A 412 -9.10 -15.37 18.86
N GLU A 413 -9.93 -16.34 18.42
CA GLU A 413 -10.48 -17.40 19.28
C GLU A 413 -9.39 -18.34 19.78
N LEU A 414 -8.48 -18.78 18.88
CA LEU A 414 -7.39 -19.71 19.15
C LEU A 414 -6.39 -19.23 20.20
N GLY A 415 -5.91 -18.00 20.05
CA GLY A 415 -4.98 -17.41 21.00
C GLY A 415 -5.73 -16.82 22.18
N ALA A 416 -5.69 -15.49 22.36
CA ALA A 416 -4.91 -14.56 21.57
C ALA A 416 -4.31 -13.49 22.50
N PRO A 417 -3.14 -13.76 23.13
CA PRO A 417 -2.54 -12.75 24.03
C PRO A 417 -2.06 -11.50 23.27
N GLU A 418 -2.28 -11.48 21.92
CA GLU A 418 -1.96 -10.42 20.95
C GLU A 418 -0.49 -9.93 21.06
N ALA A 419 0.40 -10.84 21.54
CA ALA A 419 1.86 -10.68 21.75
C ALA A 419 2.26 -9.39 22.51
N LEU A 420 2.91 -8.43 21.81
CA LEU A 420 3.38 -7.13 22.32
C LEU A 420 3.66 -6.20 21.15
N ARG A 421 3.32 -4.92 21.31
CA ARG A 421 3.53 -3.90 20.27
C ARG A 421 4.79 -3.08 20.55
N GLU A 422 5.56 -2.79 19.48
CA GLU A 422 6.78 -1.98 19.54
C GLU A 422 6.58 -0.68 18.76
N GLN A 423 6.60 0.46 19.46
CA GLN A 423 6.42 1.78 18.87
C GLN A 423 7.63 2.17 18.01
N PRO A 424 7.40 2.66 16.77
CA PRO A 424 8.54 3.04 15.91
C PRO A 424 9.38 4.20 16.44
N TRP A 425 10.57 4.36 15.86
CA TRP A 425 11.53 5.38 16.26
C TRP A 425 11.12 6.80 15.87
N PRO A 426 11.60 7.83 16.60
CA PRO A 426 11.34 9.22 16.16
C PRO A 426 12.04 9.39 14.81
N LEU A 427 11.46 10.21 13.93
CA LEU A 427 12.01 10.47 12.60
C LEU A 427 13.48 10.96 12.65
N PRO A 428 13.94 11.80 13.62
CA PRO A 428 15.37 12.17 13.63
C PRO A 428 16.32 10.98 13.86
N VAL A 429 15.88 9.98 14.65
CA VAL A 429 16.61 8.75 14.94
C VAL A 429 16.62 7.89 13.65
N GLN A 430 15.46 7.78 12.98
CA GLN A 430 15.30 7.06 11.71
C GLN A 430 16.26 7.58 10.64
N MET A 431 16.34 8.91 10.48
CA MET A 431 17.20 9.56 9.51
C MET A 431 18.71 9.46 9.86
N GLU A 432 19.09 9.73 11.13
CA GLU A 432 20.49 9.64 11.57
C GLU A 432 21.06 8.22 11.42
N LEU A 433 20.26 7.18 11.80
CA LEU A 433 20.66 5.79 11.68
C LEU A 433 20.87 5.39 10.22
N GLY A 434 19.92 5.75 9.36
CA GLY A 434 20.00 5.48 7.94
C GLY A 434 21.21 6.13 7.28
N LYS A 435 21.52 7.38 7.68
CA LYS A 435 22.66 8.18 7.21
C LYS A 435 24.00 7.64 7.73
N LEU A 436 24.00 7.12 8.97
CA LEU A 436 25.16 6.52 9.64
C LEU A 436 25.58 5.31 8.80
N LEU A 437 24.63 4.38 8.55
CA LEU A 437 24.82 3.15 7.81
C LEU A 437 25.20 3.41 6.36
N ALA A 438 24.58 4.44 5.74
CA ALA A 438 24.83 4.83 4.34
C ALA A 438 26.26 5.33 4.22
N GLU A 439 26.67 6.23 5.13
CA GLU A 439 28.03 6.76 5.16
C GLU A 439 29.05 5.68 5.52
N MET A 440 28.66 4.72 6.37
CA MET A 440 29.50 3.60 6.76
C MET A 440 29.80 2.71 5.54
N LEU A 441 28.80 2.51 4.68
CA LEU A 441 28.89 1.73 3.44
C LEU A 441 29.80 2.46 2.42
N VAL A 442 29.63 3.79 2.27
CA VAL A 442 30.43 4.63 1.37
C VAL A 442 31.90 4.59 1.80
N GLN A 443 32.16 4.82 3.11
CA GLN A 443 33.48 4.87 3.74
C GLN A 443 34.25 3.57 3.68
N ALA A 444 33.57 2.41 3.82
CA ALA A 444 34.18 1.09 3.88
C ALA A 444 34.44 0.40 2.54
N THR A 445 33.60 0.63 1.53
CA THR A 445 33.70 -0.04 0.24
C THR A 445 34.68 0.65 -0.70
N GLN A 446 35.85 0.02 -0.91
CA GLN A 446 36.92 0.50 -1.78
C GLN A 446 37.12 -0.49 -2.92
N MET A 447 37.57 0.00 -4.09
CA MET A 447 37.82 -0.82 -5.27
C MET A 447 38.91 -0.20 -6.16
N PRO A 448 39.69 -0.99 -6.95
CA PRO A 448 40.66 -0.36 -7.84
C PRO A 448 39.97 0.21 -9.07
N CYS A 449 40.30 1.45 -9.44
CA CYS A 449 39.73 2.11 -10.61
C CYS A 449 40.43 1.63 -11.89
N SER A 450 41.64 1.07 -11.73
CA SER A 450 42.50 0.52 -12.78
C SER A 450 41.91 -0.70 -13.52
N LEU A 451 40.71 -1.19 -13.06
CA LEU A 451 39.91 -2.34 -13.55
C LEU A 451 40.79 -3.63 -13.74
N ASP A 452 41.07 -4.07 -14.99
CA ASP A 452 41.87 -5.26 -15.28
C ASP A 452 43.37 -4.99 -15.10
N ARG A 456 48.39 -5.53 -10.70
CA ARG A 456 48.79 -4.17 -11.10
C ARG A 456 47.70 -3.11 -10.83
N SER A 457 46.48 -3.54 -10.37
CA SER A 457 45.33 -2.70 -10.03
C SER A 457 45.58 -1.93 -8.71
N SER A 458 46.59 -1.02 -8.75
CA SER A 458 47.14 -0.23 -7.65
C SER A 458 46.14 0.63 -6.85
N ARG A 459 45.79 1.85 -7.33
CA ARG A 459 44.96 2.84 -6.64
C ARG A 459 43.52 2.40 -6.36
N LEU A 460 43.15 2.48 -5.06
CA LEU A 460 41.83 2.18 -4.53
C LEU A 460 41.03 3.47 -4.48
N VAL A 461 39.77 3.39 -4.95
CA VAL A 461 38.82 4.50 -4.96
C VAL A 461 37.52 4.03 -4.30
N PRO A 462 36.69 4.95 -3.74
CA PRO A 462 35.41 4.52 -3.17
C PRO A 462 34.47 4.00 -4.27
N VAL A 463 33.68 2.96 -3.95
CA VAL A 463 32.71 2.37 -4.86
C VAL A 463 31.55 3.34 -5.04
N LEU A 464 31.19 4.06 -3.96
CA LEU A 464 30.09 5.02 -3.95
C LEU A 464 30.58 6.45 -3.78
N TYR A 465 29.83 7.41 -4.32
CA TYR A 465 30.16 8.82 -4.22
C TYR A 465 28.92 9.70 -4.25
N HIS A 466 29.04 10.89 -3.64
CA HIS A 466 28.00 11.89 -3.55
C HIS A 466 28.05 12.86 -4.69
N VAL A 467 26.90 13.07 -5.29
CA VAL A 467 26.67 14.01 -6.38
C VAL A 467 25.46 14.87 -6.03
N TYR A 468 25.34 16.06 -6.64
CA TYR A 468 24.22 16.94 -6.31
C TYR A 468 23.42 17.38 -7.53
N SER A 469 22.09 17.15 -7.50
CA SER A 469 21.21 17.59 -8.58
C SER A 469 20.84 19.06 -8.30
N PHE A 470 21.27 19.97 -9.18
CA PHE A 470 21.02 21.41 -9.01
C PHE A 470 19.84 21.94 -9.83
N ARG A 471 18.99 21.03 -10.35
CA ARG A 471 17.79 21.36 -11.15
C ARG A 471 16.56 21.73 -10.29
N ASN A 472 16.50 21.18 -9.07
CA ASN A 472 15.43 21.36 -8.09
C ASN A 472 15.39 22.78 -7.50
N VAL A 473 16.47 23.59 -7.71
CA VAL A 473 16.70 24.95 -7.17
C VAL A 473 17.21 24.78 -5.73
N GLN A 474 16.69 23.76 -5.02
CA GLN A 474 17.10 23.32 -3.70
C GLN A 474 17.87 22.00 -3.92
N GLN A 475 19.22 22.10 -3.94
CA GLN A 475 20.18 21.03 -4.20
C GLN A 475 19.98 19.76 -3.37
N ILE A 476 19.59 18.65 -4.02
CA ILE A 476 19.42 17.40 -3.29
C ILE A 476 20.65 16.50 -3.53
N GLY A 477 21.06 15.77 -2.49
CA GLY A 477 22.19 14.87 -2.52
C GLY A 477 21.84 13.47 -2.99
N ILE A 478 22.61 12.96 -3.97
CA ILE A 478 22.44 11.64 -4.57
C ILE A 478 23.70 10.82 -4.34
N LEU A 479 23.53 9.57 -3.89
CA LEU A 479 24.60 8.61 -3.73
C LEU A 479 24.59 7.71 -4.98
N LYS A 480 25.64 7.81 -5.78
CA LYS A 480 25.78 7.13 -7.07
C LYS A 480 26.97 6.15 -7.07
N PRO A 481 26.85 4.95 -7.68
CA PRO A 481 28.01 4.06 -7.75
C PRO A 481 29.02 4.54 -8.79
N HIS A 482 30.29 4.10 -8.65
CA HIS A 482 31.42 4.39 -9.54
C HIS A 482 31.10 3.77 -10.91
N PRO A 483 31.32 4.49 -12.05
CA PRO A 483 31.00 3.90 -13.37
C PRO A 483 31.69 2.58 -13.70
N ALA A 484 32.93 2.38 -13.19
CA ALA A 484 33.70 1.14 -13.39
C ALA A 484 33.00 -0.04 -12.69
N TYR A 485 32.43 0.21 -11.47
CA TYR A 485 31.67 -0.76 -10.68
C TYR A 485 30.41 -1.19 -11.42
N VAL A 486 29.75 -0.23 -12.08
CA VAL A 486 28.53 -0.42 -12.88
C VAL A 486 28.84 -1.33 -14.07
N GLN A 487 29.94 -1.03 -14.80
CA GLN A 487 30.38 -1.83 -15.97
C GLN A 487 30.78 -3.24 -15.57
N LEU A 488 31.37 -3.40 -14.36
CA LEU A 488 31.80 -4.67 -13.77
C LEU A 488 30.59 -5.61 -13.56
N LEU A 489 29.52 -5.12 -12.94
CA LEU A 489 28.29 -5.89 -12.69
C LEU A 489 27.58 -6.23 -14.00
N GLU A 490 27.71 -5.34 -15.00
CA GLU A 490 27.12 -5.51 -16.33
C GLU A 490 27.84 -6.65 -17.05
N LYS A 491 29.19 -6.64 -17.00
CA LYS A 491 30.04 -7.68 -17.58
C LYS A 491 29.84 -9.00 -16.84
N ALA A 492 29.67 -8.95 -15.50
CA ALA A 492 29.45 -10.11 -14.63
C ALA A 492 28.19 -10.87 -14.98
N ALA A 493 27.18 -10.15 -15.52
CA ALA A 493 25.87 -10.65 -15.95
C ALA A 493 25.28 -11.63 -14.93
N GLU A 494 25.14 -11.16 -13.67
CA GLU A 494 24.61 -11.94 -12.54
C GLU A 494 23.21 -12.47 -12.85
N PRO A 495 22.99 -13.79 -12.76
CA PRO A 495 21.67 -14.34 -13.13
C PRO A 495 20.57 -14.21 -12.09
N THR A 496 20.78 -13.49 -10.98
CA THR A 496 19.76 -13.35 -9.93
C THR A 496 19.46 -11.92 -9.56
N LEU A 497 18.20 -11.68 -9.16
CA LEU A 497 17.68 -10.42 -8.66
C LEU A 497 17.22 -10.70 -7.25
N THR A 498 17.42 -9.74 -6.35
CA THR A 498 17.04 -9.91 -4.95
C THR A 498 15.96 -8.92 -4.54
N PHE A 499 14.97 -9.38 -3.74
CA PHE A 499 13.89 -8.53 -3.24
C PHE A 499 13.77 -8.68 -1.75
N GLU A 500 13.15 -7.69 -1.07
CA GLU A 500 12.82 -7.77 0.36
C GLU A 500 11.61 -8.71 0.44
N ALA A 501 11.51 -9.52 1.51
CA ALA A 501 10.41 -10.48 1.69
C ALA A 501 9.01 -9.85 1.62
N VAL A 502 8.84 -8.62 2.12
CA VAL A 502 7.56 -7.89 2.13
C VAL A 502 7.23 -7.27 0.78
N ASP A 503 8.16 -7.32 -0.18
CA ASP A 503 7.97 -6.74 -1.51
C ASP A 503 7.47 -7.77 -2.53
N VAL A 504 7.36 -9.01 -2.10
CA VAL A 504 6.93 -10.11 -2.96
C VAL A 504 5.65 -10.78 -2.40
N PRO A 505 4.82 -11.47 -3.25
CA PRO A 505 3.64 -12.15 -2.69
C PRO A 505 4.01 -13.24 -1.68
N MET A 506 3.05 -13.51 -0.79
CA MET A 506 3.20 -14.50 0.26
C MET A 506 3.00 -15.92 -0.32
N LEU A 507 3.77 -16.89 0.20
CA LEU A 507 3.70 -18.28 -0.22
C LEU A 507 2.65 -19.06 0.58
N CYS A 508 2.01 -18.38 1.56
CA CYS A 508 0.97 -18.94 2.42
C CYS A 508 -0.14 -17.90 2.63
N PRO A 509 -1.40 -18.31 2.99
CA PRO A 509 -2.44 -17.30 3.28
C PRO A 509 -1.93 -16.26 4.30
N PRO A 510 -2.17 -14.95 4.10
CA PRO A 510 -1.64 -13.95 5.04
C PRO A 510 -2.16 -14.07 6.48
N LEU A 511 -1.57 -13.32 7.43
CA LEU A 511 -2.10 -13.30 8.77
C LEU A 511 -3.35 -12.40 8.72
N PRO A 512 -4.48 -12.79 9.37
CA PRO A 512 -5.65 -11.90 9.41
C PRO A 512 -5.35 -10.56 10.07
N TRP A 513 -6.00 -9.50 9.60
CA TRP A 513 -5.87 -8.17 10.18
C TRP A 513 -6.70 -8.16 11.46
N THR A 514 -6.03 -8.05 12.61
CA THR A 514 -6.70 -8.09 13.91
C THR A 514 -6.78 -6.70 14.54
N SER A 515 -5.90 -5.79 14.10
CA SER A 515 -5.80 -4.41 14.59
C SER A 515 -4.97 -3.60 13.59
N PRO A 516 -4.77 -2.26 13.76
CA PRO A 516 -3.95 -1.52 12.79
C PRO A 516 -2.45 -1.84 12.81
N HIS A 517 -2.01 -2.73 13.72
CA HIS A 517 -0.60 -3.09 13.87
C HIS A 517 -0.32 -4.60 13.71
N SER A 518 -1.38 -5.41 13.62
CA SER A 518 -1.25 -6.85 13.42
C SER A 518 -2.01 -7.32 12.19
N GLY A 519 -1.30 -7.94 11.24
CA GLY A 519 -1.88 -8.46 10.01
C GLY A 519 -0.92 -8.51 8.85
N ALA A 520 -1.33 -9.20 7.76
CA ALA A 520 -0.61 -9.39 6.50
C ALA A 520 0.61 -10.36 6.60
N PHE A 521 1.85 -9.84 6.60
CA PHE A 521 3.07 -10.65 6.66
C PHE A 521 3.22 -11.30 8.02
N LEU A 522 3.90 -12.45 8.06
CA LEU A 522 4.01 -13.27 9.27
C LEU A 522 4.77 -12.63 10.41
N LEU A 523 5.96 -12.07 10.12
CA LEU A 523 6.83 -11.51 11.17
C LEU A 523 7.10 -10.05 11.01
N SER A 524 7.31 -9.62 9.77
CA SER A 524 7.65 -8.24 9.40
C SER A 524 6.44 -7.32 9.62
N PRO A 525 6.61 -6.14 10.25
CA PRO A 525 5.46 -5.27 10.51
C PRO A 525 4.88 -4.56 9.27
N THR A 526 3.55 -4.42 9.23
CA THR A 526 2.82 -3.78 8.13
C THR A 526 1.83 -2.76 8.68
N LYS A 527 1.82 -1.56 8.09
CA LYS A 527 0.89 -0.50 8.45
C LYS A 527 -0.47 -0.86 7.82
N LEU A 528 -1.58 -0.63 8.55
CA LEU A 528 -2.94 -0.82 8.05
C LEU A 528 -3.24 0.30 7.06
N MET A 529 -2.73 1.51 7.35
CA MET A 529 -2.87 2.67 6.48
C MET A 529 -1.52 3.08 5.91
N ARG A 530 -1.44 3.10 4.57
CA ARG A 530 -0.29 3.42 3.73
C ARG A 530 0.21 4.85 3.90
N THR A 531 -0.75 5.80 3.85
CA THR A 531 -0.56 7.24 3.87
C THR A 531 0.50 7.67 4.92
N VAL A 532 1.70 8.02 4.41
CA VAL A 532 2.90 8.48 5.13
C VAL A 532 2.71 9.92 5.66
N GLU A 533 2.14 10.83 4.81
CA GLU A 533 1.86 12.21 5.21
C GLU A 533 0.71 12.19 6.24
N GLY A 534 0.92 12.86 7.37
CA GLY A 534 -0.03 12.91 8.48
C GLY A 534 -0.32 11.54 9.07
N ALA A 535 0.70 10.65 9.04
CA ALA A 535 0.63 9.28 9.54
C ALA A 535 0.33 9.21 11.03
N THR A 536 0.94 10.11 11.84
CA THR A 536 0.72 10.17 13.30
C THR A 536 -0.75 10.40 13.65
N GLN A 537 -1.43 11.35 12.96
CA GLN A 537 -2.84 11.69 13.18
C GLN A 537 -3.82 10.57 12.78
N HIS A 538 -3.52 9.84 11.68
CA HIS A 538 -4.36 8.73 11.23
C HIS A 538 -4.08 7.43 12.00
N GLN A 539 -2.79 7.19 12.34
CA GLN A 539 -2.31 6.02 13.11
C GLN A 539 -2.95 6.00 14.49
N GLU A 540 -2.97 7.17 15.18
CA GLU A 540 -3.55 7.28 16.50
C GLU A 540 -5.09 7.14 16.49
N LEU A 541 -5.78 7.73 15.49
CA LEU A 541 -7.25 7.67 15.39
C LEU A 541 -7.81 6.26 15.10
N LEU A 542 -6.99 5.37 14.49
CA LEU A 542 -7.42 3.99 14.24
C LEU A 542 -7.38 3.18 15.56
N GLU A 543 -6.47 3.56 16.47
CA GLU A 543 -6.33 2.94 17.80
C GLU A 543 -7.32 3.62 18.78
N THR A 544 -7.68 4.90 18.53
CA THR A 544 -8.58 5.76 19.31
C THR A 544 -10.04 5.29 19.28
N CYS A 545 -10.58 5.02 18.07
CA CYS A 545 -11.97 4.59 17.86
C CYS A 545 -12.31 3.26 18.57
N PRO A 546 -13.62 2.92 18.82
CA PRO A 546 -13.93 1.61 19.45
C PRO A 546 -13.29 0.44 18.68
N PRO A 547 -12.70 -0.61 19.33
CA PRO A 547 -12.07 -1.69 18.56
C PRO A 547 -12.96 -2.32 17.48
N THR A 548 -14.28 -2.48 17.77
CA THR A 548 -15.30 -3.00 16.85
C THR A 548 -15.46 -2.16 15.59
N ALA A 549 -15.35 -0.81 15.71
CA ALA A 549 -15.50 0.13 14.60
C ALA A 549 -14.75 -0.22 13.31
N LEU A 550 -13.55 -0.82 13.43
CA LEU A 550 -12.73 -1.15 12.28
C LEU A 550 -12.95 -2.57 11.71
N HIS A 551 -13.78 -3.40 12.38
CA HIS A 551 -14.08 -4.80 11.99
C HIS A 551 -14.39 -4.99 10.50
N GLY A 552 -15.28 -4.17 9.94
CA GLY A 552 -15.66 -4.25 8.54
C GLY A 552 -14.48 -4.18 7.59
N ALA A 553 -13.72 -3.09 7.70
CA ALA A 553 -12.50 -2.82 6.93
C ALA A 553 -11.43 -3.90 7.15
N LEU A 554 -11.20 -4.33 8.42
CA LEU A 554 -10.24 -5.37 8.78
C LEU A 554 -10.58 -6.71 8.12
N ASP A 555 -11.88 -7.05 8.10
CA ASP A 555 -12.34 -8.30 7.49
C ASP A 555 -12.31 -8.26 5.97
N ALA A 556 -12.70 -7.12 5.37
CA ALA A 556 -12.66 -6.95 3.92
C ALA A 556 -11.23 -7.07 3.42
N LEU A 557 -10.25 -6.52 4.17
CA LEU A 557 -8.82 -6.60 3.84
C LEU A 557 -8.27 -8.02 4.00
N THR A 558 -8.72 -8.74 5.05
CA THR A 558 -8.32 -10.13 5.32
C THR A 558 -8.79 -10.99 4.14
N GLN A 559 -10.03 -10.76 3.69
CA GLN A 559 -10.68 -11.45 2.57
C GLN A 559 -9.91 -11.26 1.27
N LEU A 560 -9.58 -10.01 0.91
CA LEU A 560 -8.84 -9.69 -0.30
C LEU A 560 -7.48 -10.40 -0.29
N GLY A 561 -6.82 -10.38 0.86
CA GLY A 561 -5.53 -11.05 1.05
C GLY A 561 -5.62 -12.56 1.00
N ASN A 562 -6.82 -13.12 1.34
CA ASN A 562 -7.08 -14.56 1.36
C ASN A 562 -7.29 -15.19 0.00
N CYS A 563 -7.49 -14.39 -1.05
CA CYS A 563 -7.65 -14.94 -2.40
C CYS A 563 -6.34 -15.61 -2.90
N ALA A 564 -6.42 -16.89 -3.30
CA ALA A 564 -5.27 -17.65 -3.79
C ALA A 564 -5.07 -17.39 -5.29
N TRP A 565 -3.85 -17.02 -5.66
CA TRP A 565 -3.55 -16.73 -7.06
C TRP A 565 -2.53 -17.72 -7.61
N ARG A 566 -2.48 -17.81 -8.92
CA ARG A 566 -1.48 -18.58 -9.65
C ARG A 566 -1.24 -17.90 -10.99
N VAL A 567 -0.12 -18.26 -11.62
CA VAL A 567 0.32 -17.74 -12.90
C VAL A 567 -0.25 -18.56 -14.05
N ASN A 568 -0.63 -17.85 -15.12
CA ASN A 568 -1.07 -18.41 -16.38
C ASN A 568 0.26 -18.70 -17.12
N GLY A 569 0.69 -19.96 -17.05
CA GLY A 569 1.96 -20.40 -17.64
C GLY A 569 2.08 -20.13 -19.13
N ARG A 570 1.00 -20.39 -19.87
CA ARG A 570 0.90 -20.18 -21.32
C ARG A 570 1.12 -18.73 -21.69
N VAL A 571 0.50 -17.78 -20.96
CA VAL A 571 0.67 -16.34 -21.19
C VAL A 571 2.12 -15.94 -20.90
N LEU A 572 2.67 -16.37 -19.74
CA LEU A 572 4.04 -16.07 -19.37
C LEU A 572 5.05 -16.47 -20.45
N ASP A 573 4.95 -17.71 -20.97
CA ASP A 573 5.83 -18.22 -22.04
C ASP A 573 5.82 -17.33 -23.28
N LEU A 574 4.65 -16.86 -23.69
CA LEU A 574 4.48 -15.98 -24.85
C LEU A 574 5.08 -14.60 -24.60
N VAL A 575 4.84 -14.02 -23.40
CA VAL A 575 5.36 -12.70 -23.00
C VAL A 575 6.89 -12.76 -22.91
N LEU A 576 7.44 -13.85 -22.30
CA LEU A 576 8.88 -14.08 -22.20
C LEU A 576 9.50 -14.27 -23.60
N GLN A 577 8.82 -14.99 -24.52
CA GLN A 577 9.29 -15.21 -25.90
C GLN A 577 9.56 -13.86 -26.57
N LEU A 578 8.62 -12.91 -26.42
CA LEU A 578 8.75 -11.57 -26.97
C LEU A 578 9.82 -10.77 -26.24
N PHE A 579 9.81 -10.78 -24.89
CA PHE A 579 10.75 -10.08 -24.01
C PHE A 579 12.21 -10.45 -24.28
N GLN A 580 12.52 -11.77 -24.30
CA GLN A 580 13.85 -12.34 -24.50
C GLN A 580 14.37 -12.25 -25.94
N ALA A 581 13.61 -11.60 -26.83
CA ALA A 581 13.95 -11.37 -28.23
C ALA A 581 14.06 -9.85 -28.43
N LYS A 582 13.24 -9.23 -29.32
CA LYS A 582 13.28 -7.79 -29.55
C LYS A 582 12.11 -7.03 -28.87
N GLY A 583 11.31 -7.76 -28.08
CA GLY A 583 10.14 -7.23 -27.41
C GLY A 583 9.01 -6.97 -28.38
N CYS A 584 7.91 -6.37 -27.91
CA CYS A 584 6.77 -6.02 -28.75
C CYS A 584 6.01 -4.86 -28.13
N PRO A 585 6.50 -3.62 -28.33
CA PRO A 585 5.84 -2.45 -27.71
C PRO A 585 4.35 -2.27 -28.01
N GLN A 586 3.90 -2.72 -29.19
CA GLN A 586 2.50 -2.67 -29.68
C GLN A 586 1.59 -3.48 -28.74
N LEU A 587 2.16 -4.54 -28.09
CA LEU A 587 1.49 -5.43 -27.14
C LEU A 587 2.04 -5.22 -25.72
N GLY A 588 2.51 -4.01 -25.45
CA GLY A 588 3.04 -3.58 -24.15
C GLY A 588 4.18 -4.37 -23.56
N VAL A 589 5.04 -4.95 -24.41
CA VAL A 589 6.23 -5.69 -23.98
C VAL A 589 7.42 -4.79 -24.34
N PRO A 590 8.22 -4.32 -23.36
CA PRO A 590 9.35 -3.42 -23.68
C PRO A 590 10.45 -4.03 -24.55
N ALA A 591 11.04 -3.19 -25.41
CA ALA A 591 12.13 -3.60 -26.31
C ALA A 591 13.52 -3.47 -25.62
N PRO A 592 14.50 -4.38 -25.86
CA PRO A 592 15.82 -4.22 -25.22
C PRO A 592 16.59 -3.02 -25.80
N PRO A 593 17.66 -2.52 -25.12
CA PRO A 593 18.40 -1.35 -25.66
C PRO A 593 18.86 -1.45 -27.10
N SER A 594 18.99 -2.68 -27.63
CA SER A 594 19.35 -2.97 -29.03
C SER A 594 18.38 -2.29 -30.01
N GLU A 595 17.10 -2.15 -29.61
CA GLU A 595 16.04 -1.57 -30.44
C GLU A 595 15.86 -0.06 -30.25
N ALA A 596 16.70 0.57 -29.39
CA ALA A 596 16.68 2.01 -29.14
C ALA A 596 17.06 2.80 -30.40
N PRO A 597 16.38 3.93 -30.68
CA PRO A 597 16.71 4.71 -31.88
C PRO A 597 18.14 5.28 -31.87
N GLN A 598 18.82 5.09 -33.01
CA GLN A 598 20.19 5.54 -33.26
C GLN A 598 20.19 6.85 -34.08
N PRO A 599 21.14 7.79 -33.83
CA PRO A 599 21.13 9.04 -34.61
C PRO A 599 21.73 8.86 -36.01
N PRO A 600 20.97 9.17 -37.09
CA PRO A 600 21.50 8.98 -38.46
C PRO A 600 22.09 10.26 -39.09
N GLU A 601 23.44 10.45 -39.09
CA GLU A 601 24.47 9.60 -38.48
C GLU A 601 25.36 10.46 -37.56
N ALA A 602 26.16 9.82 -36.66
CA ALA A 602 27.09 10.46 -35.71
C ALA A 602 27.90 11.60 -36.36
N HIS A 603 27.92 12.78 -35.70
CA HIS A 603 28.54 14.05 -36.11
C HIS A 603 29.69 13.95 -37.12
N LEU A 604 29.55 14.67 -38.25
CA LEU A 604 30.56 14.76 -39.32
C LEU A 604 31.01 16.25 -39.46
N PRO A 605 31.79 16.79 -38.48
CA PRO A 605 32.17 18.21 -38.54
C PRO A 605 33.53 18.43 -39.26
N HIS A 606 34.23 19.60 -39.14
CA HIS A 606 33.93 20.81 -38.35
C HIS A 606 33.66 22.02 -39.25
N SER A 607 34.13 21.96 -40.53
CA SER A 607 34.04 23.01 -41.56
C SER A 607 32.64 23.60 -41.76
N ALA A 608 31.60 22.75 -41.67
CA ALA A 608 30.20 23.15 -41.82
C ALA A 608 29.32 22.23 -40.98
N ALA A 609 28.26 22.75 -40.29
CA ALA A 609 27.81 24.15 -40.20
C ALA A 609 27.27 24.44 -38.77
N PRO A 610 27.37 25.68 -38.23
CA PRO A 610 26.89 25.95 -36.85
C PRO A 610 25.42 25.60 -36.56
N ALA A 611 24.52 25.77 -37.55
CA ALA A 611 23.09 25.46 -37.39
C ALA A 611 22.84 23.96 -37.54
N ARG A 612 23.66 23.27 -38.36
CA ARG A 612 23.56 21.82 -38.60
C ARG A 612 24.16 21.01 -37.44
N LYS A 613 25.13 21.63 -36.71
CA LYS A 613 25.78 21.05 -35.54
C LYS A 613 24.79 21.03 -34.36
N ALA A 614 23.93 22.07 -34.27
CA ALA A 614 22.90 22.22 -33.25
C ALA A 614 21.69 21.33 -33.58
N GLU A 615 21.47 21.09 -34.89
CA GLU A 615 20.42 20.24 -35.45
C GLU A 615 20.63 18.80 -35.02
N LEU A 616 21.89 18.34 -35.03
CA LEU A 616 22.31 17.00 -34.60
C LEU A 616 22.19 16.87 -33.07
N ARG A 617 22.52 17.96 -32.33
CA ARG A 617 22.45 18.01 -30.86
C ARG A 617 21.02 17.81 -30.35
N ARG A 618 20.01 18.39 -31.05
CA ARG A 618 18.60 18.26 -30.69
C ARG A 618 18.07 16.87 -31.04
N GLU A 619 18.64 16.26 -32.10
CA GLU A 619 18.32 14.92 -32.60
C GLU A 619 18.86 13.87 -31.61
N LEU A 620 20.11 14.07 -31.14
CA LEU A 620 20.80 13.23 -30.16
C LEU A 620 20.08 13.25 -28.81
N ALA A 621 19.64 14.46 -28.38
CA ALA A 621 18.93 14.69 -27.12
C ALA A 621 17.62 13.92 -27.05
N HIS A 622 16.91 13.80 -28.19
CA HIS A 622 15.65 13.09 -28.32
C HIS A 622 15.88 11.59 -28.29
N CYS A 623 16.96 11.11 -28.95
CA CYS A 623 17.33 9.69 -28.99
C CYS A 623 17.70 9.20 -27.60
N GLN A 624 18.43 10.05 -26.83
CA GLN A 624 18.83 9.82 -25.43
C GLN A 624 17.56 9.77 -24.57
N LYS A 625 16.60 10.68 -24.81
CA LYS A 625 15.31 10.72 -24.11
C LYS A 625 14.52 9.42 -24.31
N VAL A 626 14.33 8.97 -25.58
CA VAL A 626 13.63 7.71 -25.92
C VAL A 626 14.37 6.49 -25.31
N ALA A 627 15.71 6.45 -25.43
CA ALA A 627 16.51 5.35 -24.87
C ALA A 627 16.30 5.23 -23.35
N ARG A 628 16.31 6.38 -22.63
CA ARG A 628 16.09 6.43 -21.17
C ARG A 628 14.71 5.93 -20.82
N GLU A 629 13.69 6.31 -21.63
CA GLU A 629 12.29 5.93 -21.45
C GLU A 629 12.06 4.45 -21.69
N MET A 630 12.74 3.89 -22.70
CA MET A 630 12.67 2.47 -23.06
C MET A 630 13.30 1.61 -22.00
N HIS A 631 14.41 2.10 -21.43
CA HIS A 631 15.20 1.42 -20.39
C HIS A 631 14.41 1.32 -19.07
N SER A 632 13.63 2.37 -18.74
CA SER A 632 12.77 2.43 -17.56
C SER A 632 11.70 1.36 -17.63
N LEU A 633 11.00 1.28 -18.79
CA LEU A 633 9.98 0.28 -19.04
C LEU A 633 10.53 -1.14 -19.03
N ARG A 634 11.73 -1.34 -19.60
CA ARG A 634 12.39 -2.63 -19.68
C ARG A 634 12.71 -3.15 -18.30
N ALA A 635 13.29 -2.28 -17.45
CA ALA A 635 13.67 -2.59 -16.07
C ALA A 635 12.45 -2.97 -15.22
N GLU A 636 11.37 -2.20 -15.31
CA GLU A 636 10.09 -2.41 -14.63
C GLU A 636 9.47 -3.76 -15.01
N ALA A 637 9.49 -4.10 -16.31
CA ALA A 637 8.96 -5.39 -16.81
C ALA A 637 9.83 -6.55 -16.33
N LEU A 638 11.17 -6.37 -16.35
CA LEU A 638 12.14 -7.36 -15.90
C LEU A 638 11.83 -7.86 -14.49
N TYR A 639 11.54 -6.96 -13.53
CA TYR A 639 11.23 -7.36 -12.15
C TYR A 639 9.92 -8.09 -12.04
N ARG A 640 8.88 -7.57 -12.71
CA ARG A 640 7.55 -8.14 -12.76
C ARG A 640 7.58 -9.56 -13.34
N LEU A 641 8.23 -9.73 -14.51
CA LEU A 641 8.34 -11.03 -15.21
C LEU A 641 9.23 -12.02 -14.50
N SER A 642 10.32 -11.55 -13.86
CA SER A 642 11.20 -12.44 -13.09
C SER A 642 10.47 -13.05 -11.90
N LEU A 643 9.62 -12.25 -11.20
CA LEU A 643 8.80 -12.73 -10.08
C LEU A 643 7.71 -13.67 -10.54
N ALA A 644 7.10 -13.41 -11.73
CA ALA A 644 6.07 -14.28 -12.33
C ALA A 644 6.69 -15.63 -12.68
N GLN A 645 7.90 -15.62 -13.25
CA GLN A 645 8.69 -16.82 -13.59
C GLN A 645 9.03 -17.59 -12.32
N HIS A 646 9.33 -16.86 -11.23
CA HIS A 646 9.66 -17.45 -9.93
C HIS A 646 8.45 -18.15 -9.30
N LEU A 647 7.26 -17.54 -9.38
CA LEU A 647 6.00 -18.04 -8.82
C LEU A 647 5.19 -18.90 -9.79
N ARG A 648 5.79 -19.27 -10.93
CA ARG A 648 5.19 -20.08 -12.00
C ARG A 648 4.45 -21.33 -11.54
N ASP A 649 5.12 -22.17 -10.75
CA ASP A 649 4.55 -23.45 -10.31
C ASP A 649 4.00 -23.41 -8.87
N ARG A 650 3.82 -22.19 -8.33
CA ARG A 650 3.38 -21.93 -6.96
C ARG A 650 2.03 -21.21 -6.86
N VAL A 651 1.34 -21.39 -5.71
CA VAL A 651 0.12 -20.70 -5.31
C VAL A 651 0.65 -19.58 -4.41
N PHE A 652 0.12 -18.37 -4.54
CA PHE A 652 0.56 -17.22 -3.75
C PHE A 652 -0.61 -16.33 -3.42
N TRP A 653 -0.43 -15.50 -2.38
CA TRP A 653 -1.41 -14.59 -1.83
C TRP A 653 -0.87 -13.15 -1.81
N LEU A 654 -1.77 -12.18 -2.00
CA LEU A 654 -1.43 -10.76 -2.01
C LEU A 654 -2.08 -10.06 -0.83
N PRO A 655 -1.41 -9.90 0.33
CA PRO A 655 -2.03 -9.16 1.43
C PRO A 655 -2.36 -7.72 1.01
N HIS A 656 -3.42 -7.12 1.58
CA HIS A 656 -3.89 -5.78 1.23
C HIS A 656 -3.75 -4.81 2.38
N ASN A 657 -3.70 -3.51 2.04
CA ASN A 657 -3.52 -2.33 2.90
C ASN A 657 -4.65 -1.36 2.51
N MET A 658 -4.75 -0.22 3.22
CA MET A 658 -5.70 0.86 2.92
C MET A 658 -4.93 2.19 2.80
N ASP A 659 -5.49 3.18 2.08
CA ASP A 659 -4.93 4.53 2.10
C ASP A 659 -5.85 5.25 3.11
N PHE A 660 -5.61 6.55 3.40
CA PHE A 660 -6.41 7.29 4.37
C PHE A 660 -7.92 7.33 4.05
N ARG A 661 -8.30 7.24 2.76
CA ARG A 661 -9.70 7.28 2.33
C ARG A 661 -10.43 5.95 2.50
N GLY A 662 -9.70 4.89 2.83
CA GLY A 662 -10.26 3.56 2.99
C GLY A 662 -10.09 2.68 1.76
N ARG A 663 -9.68 3.27 0.62
CA ARG A 663 -9.42 2.58 -0.64
C ARG A 663 -8.28 1.56 -0.45
N THR A 664 -8.50 0.30 -0.87
CA THR A 664 -7.59 -0.84 -0.69
C THR A 664 -6.61 -1.06 -1.83
N TYR A 665 -5.41 -1.51 -1.49
CA TYR A 665 -4.32 -1.76 -2.43
C TYR A 665 -3.51 -2.98 -1.99
N PRO A 666 -2.97 -3.80 -2.92
CA PRO A 666 -2.11 -4.92 -2.50
C PRO A 666 -0.79 -4.41 -1.97
N CYS A 667 -0.21 -5.14 -1.01
CA CYS A 667 1.07 -4.77 -0.40
C CYS A 667 2.26 -5.11 -1.32
N PRO A 668 2.38 -6.33 -1.95
CA PRO A 668 3.52 -6.56 -2.87
C PRO A 668 3.31 -5.73 -4.14
N PRO A 669 4.21 -4.74 -4.44
CA PRO A 669 3.92 -3.81 -5.55
C PRO A 669 4.26 -4.27 -6.96
N HIS A 670 5.37 -5.00 -7.15
CA HIS A 670 5.87 -5.40 -8.47
C HIS A 670 4.90 -6.23 -9.30
N PHE A 671 4.43 -7.38 -8.76
CA PHE A 671 3.56 -8.29 -9.49
C PHE A 671 2.15 -8.41 -8.85
N ASN A 672 1.08 -7.87 -9.56
CA ASN A 672 -0.32 -7.93 -9.11
C ASN A 672 -1.42 -7.43 -10.15
N HIS A 673 -2.66 -7.85 -9.84
CA HIS A 673 -3.87 -7.64 -10.61
C HIS A 673 -4.35 -6.18 -10.74
N LEU A 674 -3.74 -5.24 -10.00
CA LEU A 674 -4.11 -3.82 -10.10
C LEU A 674 -3.36 -3.15 -11.33
N GLY A 675 -2.43 -3.93 -11.94
CA GLY A 675 -1.58 -3.50 -13.03
C GLY A 675 -2.14 -3.44 -14.43
N SER A 676 -1.23 -3.48 -15.38
CA SER A 676 -1.48 -3.40 -16.81
C SER A 676 -2.13 -4.68 -17.37
N ASP A 677 -2.37 -4.66 -18.69
CA ASP A 677 -2.98 -5.76 -19.42
C ASP A 677 -2.08 -7.01 -19.32
N VAL A 678 -0.76 -6.91 -19.67
CA VAL A 678 0.22 -8.01 -19.55
C VAL A 678 0.15 -8.59 -18.13
N ALA A 679 0.23 -7.72 -17.09
CA ALA A 679 0.17 -8.10 -15.67
C ALA A 679 -1.11 -8.81 -15.31
N ARG A 680 -2.26 -8.27 -15.68
CA ARG A 680 -3.53 -8.91 -15.34
C ARG A 680 -3.78 -10.24 -16.04
N ALA A 681 -3.16 -10.46 -17.21
CA ALA A 681 -3.29 -11.65 -18.04
C ALA A 681 -2.44 -12.79 -17.53
N LEU A 682 -1.35 -12.46 -16.81
CA LEU A 682 -0.43 -13.42 -16.24
C LEU A 682 -1.05 -14.15 -15.05
N LEU A 683 -2.08 -13.55 -14.42
CA LEU A 683 -2.70 -14.06 -13.21
C LEU A 683 -4.08 -14.65 -13.41
N GLU A 684 -4.40 -15.62 -12.57
CA GLU A 684 -5.71 -16.26 -12.47
C GLU A 684 -5.88 -16.81 -11.05
N PHE A 685 -7.12 -17.10 -10.63
CA PHE A 685 -7.39 -17.70 -9.34
C PHE A 685 -6.74 -19.10 -9.30
N ALA A 686 -6.12 -19.48 -8.16
CA ALA A 686 -5.51 -20.80 -7.97
C ALA A 686 -6.59 -21.88 -7.85
N GLN A 687 -7.71 -21.53 -7.22
CA GLN A 687 -8.86 -22.41 -7.09
C GLN A 687 -9.80 -22.11 -8.26
N GLY A 688 -10.23 -23.15 -8.94
CA GLY A 688 -11.19 -23.03 -10.03
C GLY A 688 -12.58 -23.28 -9.49
N ARG A 689 -13.60 -23.09 -10.31
CA ARG A 689 -15.00 -23.24 -9.92
C ARG A 689 -15.75 -23.73 -11.15
N PRO A 690 -16.41 -24.92 -11.15
CA PRO A 690 -17.11 -25.39 -12.37
C PRO A 690 -18.10 -24.37 -12.89
N LEU A 691 -18.02 -24.09 -14.20
CA LEU A 691 -18.80 -23.10 -14.92
C LEU A 691 -20.29 -23.07 -14.62
N GLY A 692 -20.92 -24.25 -14.56
CA GLY A 692 -22.36 -24.34 -14.31
C GLY A 692 -23.16 -23.99 -15.53
N PRO A 693 -24.46 -23.67 -15.39
CA PRO A 693 -25.29 -23.40 -16.59
C PRO A 693 -25.02 -22.09 -17.33
N HIS A 694 -24.42 -21.08 -16.65
CA HIS A 694 -24.18 -19.76 -17.26
C HIS A 694 -22.71 -19.30 -17.28
N GLY A 695 -21.80 -20.11 -16.74
CA GLY A 695 -20.37 -19.80 -16.71
C GLY A 695 -19.74 -19.52 -18.05
N LEU A 696 -19.99 -20.40 -19.05
CA LEU A 696 -19.45 -20.28 -20.40
C LEU A 696 -19.90 -19.01 -21.09
N ASP A 697 -21.20 -18.63 -20.96
CA ASP A 697 -21.74 -17.37 -21.51
C ASP A 697 -21.05 -16.18 -20.88
N TRP A 698 -20.79 -16.25 -19.56
CA TRP A 698 -20.09 -15.18 -18.87
C TRP A 698 -18.66 -15.06 -19.33
N LEU A 699 -17.99 -16.20 -19.66
CA LEU A 699 -16.64 -16.21 -20.22
C LEU A 699 -16.62 -15.55 -21.59
N LYS A 700 -17.70 -15.79 -22.37
CA LYS A 700 -17.88 -15.23 -23.70
C LYS A 700 -18.15 -13.72 -23.65
N ILE A 701 -19.01 -13.25 -22.71
CA ILE A 701 -19.30 -11.82 -22.52
C ILE A 701 -18.03 -11.09 -22.08
N HIS A 702 -17.31 -11.64 -21.10
CA HIS A 702 -16.06 -11.11 -20.58
C HIS A 702 -15.03 -10.96 -21.71
N LEU A 703 -14.86 -12.02 -22.55
CA LEU A 703 -13.96 -12.01 -23.73
C LEU A 703 -14.26 -10.78 -24.60
N VAL A 704 -15.54 -10.59 -24.99
CA VAL A 704 -16.03 -9.50 -25.83
C VAL A 704 -15.84 -8.16 -25.14
N ASN A 705 -16.11 -8.10 -23.82
CA ASN A 705 -15.88 -6.89 -23.03
C ASN A 705 -14.44 -6.45 -23.17
N LEU A 706 -13.49 -7.40 -23.04
CA LEU A 706 -12.05 -7.19 -23.13
C LEU A 706 -11.57 -6.73 -24.50
N THR A 707 -12.33 -7.07 -25.58
CA THR A 707 -11.96 -6.69 -26.95
C THR A 707 -12.25 -5.21 -27.15
N GLY A 708 -13.26 -4.72 -26.45
CA GLY A 708 -13.72 -3.34 -26.54
C GLY A 708 -14.50 -3.05 -27.80
N LEU A 709 -14.90 -4.11 -28.56
CA LEU A 709 -15.61 -4.05 -29.84
C LEU A 709 -17.15 -3.83 -29.73
N LYS A 710 -17.76 -4.26 -28.64
CA LYS A 710 -19.23 -4.18 -28.51
C LYS A 710 -19.66 -3.43 -27.23
N LYS A 711 -18.92 -2.36 -26.89
CA LYS A 711 -19.13 -1.49 -25.72
C LYS A 711 -20.57 -0.97 -25.61
N ARG A 712 -21.16 -0.54 -26.73
CA ARG A 712 -22.50 0.03 -26.79
C ARG A 712 -23.62 -1.03 -26.78
N GLU A 713 -23.28 -2.28 -27.11
CA GLU A 713 -24.19 -3.41 -27.27
C GLU A 713 -24.74 -4.03 -25.99
N PRO A 714 -25.97 -4.60 -26.01
CA PRO A 714 -26.45 -5.31 -24.81
C PRO A 714 -25.72 -6.65 -24.64
N LEU A 715 -25.84 -7.25 -23.45
CA LEU A 715 -25.17 -8.50 -23.11
C LEU A 715 -25.45 -9.63 -24.08
N ARG A 716 -26.71 -9.79 -24.52
CA ARG A 716 -27.10 -10.84 -25.48
C ARG A 716 -26.40 -10.70 -26.84
N LYS A 717 -26.09 -9.46 -27.26
CA LYS A 717 -25.42 -9.19 -28.52
C LYS A 717 -23.92 -9.40 -28.39
N ARG A 718 -23.36 -9.16 -27.20
CA ARG A 718 -21.95 -9.44 -26.86
C ARG A 718 -21.73 -10.97 -26.91
N LEU A 719 -22.69 -11.74 -26.36
CA LEU A 719 -22.69 -13.20 -26.39
C LEU A 719 -22.87 -13.69 -27.82
N ALA A 720 -23.73 -13.03 -28.62
CA ALA A 720 -23.96 -13.42 -30.03
C ALA A 720 -22.71 -13.16 -30.88
N PHE A 721 -21.98 -12.07 -30.59
CA PHE A 721 -20.73 -11.73 -31.30
C PHE A 721 -19.63 -12.77 -31.03
N ALA A 722 -19.50 -13.22 -29.77
CA ALA A 722 -18.54 -14.26 -29.38
C ALA A 722 -18.74 -15.54 -30.22
N GLU A 723 -19.99 -15.91 -30.49
CA GLU A 723 -20.34 -17.09 -31.28
C GLU A 723 -19.93 -16.96 -32.74
N GLU A 724 -20.01 -15.73 -33.28
CA GLU A 724 -19.64 -15.39 -34.66
C GLU A 724 -18.14 -15.49 -34.84
N VAL A 725 -17.36 -14.87 -33.93
CA VAL A 725 -15.89 -14.88 -33.97
C VAL A 725 -15.27 -16.10 -33.28
N MET A 726 -16.06 -17.14 -32.95
CA MET A 726 -15.59 -18.35 -32.26
C MET A 726 -14.33 -19.00 -32.90
N ASP A 727 -14.25 -18.98 -34.25
CA ASP A 727 -13.09 -19.51 -34.99
C ASP A 727 -11.84 -18.70 -34.71
N ASP A 728 -11.97 -17.38 -34.60
CA ASP A 728 -10.87 -16.48 -34.30
C ASP A 728 -10.42 -16.57 -32.86
N ILE A 729 -11.36 -16.90 -31.94
CA ILE A 729 -11.11 -17.12 -30.52
C ILE A 729 -10.27 -18.40 -30.36
N LEU A 730 -10.66 -19.48 -31.07
CA LEU A 730 -9.96 -20.75 -31.02
C LEU A 730 -8.59 -20.67 -31.70
N ASP A 731 -8.51 -20.01 -32.86
CA ASP A 731 -7.24 -19.82 -33.58
C ASP A 731 -6.27 -18.96 -32.74
N SER A 732 -6.79 -17.91 -32.06
CA SER A 732 -6.01 -17.03 -31.20
C SER A 732 -5.43 -17.82 -30.05
N ALA A 733 -6.24 -18.69 -29.43
CA ALA A 733 -5.85 -19.55 -28.32
C ALA A 733 -4.75 -20.54 -28.74
N ASP A 734 -4.94 -21.25 -29.87
CA ASP A 734 -4.09 -22.29 -30.44
C ASP A 734 -2.75 -21.84 -31.01
N GLN A 735 -2.77 -20.77 -31.84
CA GLN A 735 -1.60 -20.23 -32.51
C GLN A 735 -1.51 -18.72 -32.22
N PRO A 736 -1.17 -18.32 -30.97
CA PRO A 736 -1.18 -16.88 -30.64
C PRO A 736 -0.31 -15.97 -31.51
N LEU A 737 0.93 -16.39 -31.79
CA LEU A 737 1.86 -15.57 -32.57
C LEU A 737 2.01 -16.05 -34.02
N THR A 738 1.42 -17.20 -34.40
CA THR A 738 1.57 -17.78 -35.73
C THR A 738 0.27 -17.89 -36.54
N GLY A 739 -0.87 -17.74 -35.89
CA GLY A 739 -2.16 -17.80 -36.54
C GLY A 739 -2.60 -16.48 -37.13
N ARG A 740 -3.93 -16.25 -37.15
CA ARG A 740 -4.56 -15.05 -37.68
C ARG A 740 -4.43 -13.86 -36.72
N LYS A 741 -3.92 -14.12 -35.49
CA LYS A 741 -3.63 -13.13 -34.44
C LYS A 741 -4.77 -12.11 -34.20
N TRP A 742 -6.02 -12.60 -34.16
CA TRP A 742 -7.22 -11.79 -33.95
C TRP A 742 -7.19 -11.04 -32.62
N TRP A 743 -6.68 -11.71 -31.58
CA TRP A 743 -6.59 -11.22 -30.21
C TRP A 743 -5.76 -9.95 -30.07
N MET A 744 -4.76 -9.78 -30.93
CA MET A 744 -3.83 -8.65 -30.95
C MET A 744 -4.51 -7.29 -31.21
N GLY A 745 -5.67 -7.32 -31.86
CA GLY A 745 -6.46 -6.14 -32.16
C GLY A 745 -7.39 -5.69 -31.04
N ALA A 746 -7.44 -6.47 -29.94
CA ALA A 746 -8.30 -6.13 -28.81
C ALA A 746 -7.83 -4.90 -28.04
N GLU A 747 -8.77 -4.29 -27.30
CA GLU A 747 -8.51 -3.15 -26.44
C GLU A 747 -7.55 -3.62 -25.34
N GLU A 748 -7.75 -4.85 -24.83
CA GLU A 748 -6.93 -5.51 -23.79
C GLU A 748 -6.46 -6.81 -24.40
N PRO A 749 -5.38 -6.80 -25.23
CA PRO A 749 -5.00 -8.02 -25.97
C PRO A 749 -4.59 -9.24 -25.15
N TRP A 750 -3.73 -9.06 -24.11
CA TRP A 750 -3.24 -10.19 -23.31
C TRP A 750 -4.35 -10.84 -22.48
N GLN A 751 -5.29 -10.03 -21.99
CA GLN A 751 -6.46 -10.49 -21.25
C GLN A 751 -7.40 -11.20 -22.17
N THR A 752 -7.65 -10.67 -23.40
CA THR A 752 -8.47 -11.31 -24.44
C THR A 752 -7.88 -12.70 -24.74
N LEU A 753 -6.56 -12.79 -25.01
CA LEU A 753 -5.88 -14.07 -25.28
C LEU A 753 -6.03 -15.07 -24.15
N ALA A 754 -5.85 -14.62 -22.89
CA ALA A 754 -6.01 -15.49 -21.71
C ALA A 754 -7.44 -16.06 -21.70
N CYS A 755 -8.42 -15.21 -22.00
CA CYS A 755 -9.82 -15.55 -22.07
C CYS A 755 -10.19 -16.50 -23.25
N CYS A 756 -9.48 -16.34 -24.40
CA CYS A 756 -9.60 -17.21 -25.57
C CYS A 756 -9.15 -18.62 -25.14
N MET A 757 -8.02 -18.72 -24.43
CA MET A 757 -7.47 -19.97 -23.88
C MET A 757 -8.48 -20.65 -22.95
N GLU A 758 -9.15 -19.88 -22.08
CA GLU A 758 -10.19 -20.36 -21.17
C GLU A 758 -11.43 -20.83 -21.90
N VAL A 759 -11.92 -20.06 -22.90
CA VAL A 759 -13.09 -20.44 -23.70
C VAL A 759 -12.77 -21.72 -24.51
N ALA A 760 -11.54 -21.85 -25.05
CA ALA A 760 -11.14 -23.04 -25.82
C ALA A 760 -11.12 -24.27 -24.92
N ASN A 761 -10.48 -24.19 -23.73
CA ASN A 761 -10.44 -25.27 -22.76
C ASN A 761 -11.85 -25.68 -22.33
N ALA A 762 -12.75 -24.69 -22.11
CA ALA A 762 -14.13 -24.91 -21.72
C ALA A 762 -14.95 -25.65 -22.77
N VAL A 763 -14.94 -25.17 -24.03
CA VAL A 763 -15.73 -25.80 -25.10
C VAL A 763 -15.18 -27.19 -25.47
N ARG A 764 -13.86 -27.39 -25.33
CA ARG A 764 -13.17 -28.65 -25.63
C ARG A 764 -13.18 -29.68 -24.47
N ALA A 765 -13.71 -29.28 -23.29
CA ALA A 765 -13.87 -30.16 -22.13
C ALA A 765 -15.03 -31.12 -22.44
N SER A 766 -15.02 -32.33 -21.84
CA SER A 766 -16.08 -33.34 -22.04
C SER A 766 -17.47 -32.76 -21.73
N ASP A 767 -17.60 -32.03 -20.60
CA ASP A 767 -18.82 -31.35 -20.20
C ASP A 767 -18.43 -29.93 -19.85
N PRO A 768 -18.65 -28.96 -20.77
CA PRO A 768 -18.29 -27.56 -20.45
C PRO A 768 -18.90 -26.99 -19.14
N ALA A 769 -20.15 -27.38 -18.77
CA ALA A 769 -20.79 -26.92 -17.53
C ALA A 769 -20.10 -27.39 -16.25
N ALA A 770 -19.23 -28.42 -16.38
CA ALA A 770 -18.47 -29.02 -15.28
C ALA A 770 -16.99 -28.65 -15.38
N TYR A 771 -16.62 -27.84 -16.40
CA TYR A 771 -15.23 -27.40 -16.59
C TYR A 771 -14.86 -26.52 -15.43
N VAL A 772 -13.82 -26.92 -14.68
CA VAL A 772 -13.33 -26.16 -13.52
C VAL A 772 -12.54 -24.96 -14.03
N SER A 773 -13.17 -23.76 -13.97
CA SER A 773 -12.66 -22.47 -14.48
C SER A 773 -12.00 -21.57 -13.41
N HIS A 774 -10.79 -21.06 -13.73
CA HIS A 774 -9.95 -20.24 -12.87
C HIS A 774 -9.90 -18.79 -13.26
N LEU A 775 -10.31 -18.46 -14.47
CA LEU A 775 -10.28 -17.10 -14.99
C LEU A 775 -11.23 -16.15 -14.27
N PRO A 776 -10.72 -15.02 -13.70
CA PRO A 776 -11.61 -14.04 -13.07
C PRO A 776 -12.44 -13.32 -14.13
N VAL A 777 -13.73 -13.06 -13.87
CA VAL A 777 -14.61 -12.32 -14.78
C VAL A 777 -14.89 -10.96 -14.09
N HIS A 778 -14.77 -9.84 -14.85
CA HIS A 778 -14.93 -8.46 -14.31
C HIS A 778 -16.30 -7.83 -14.59
N GLN A 779 -16.82 -7.12 -13.57
CA GLN A 779 -18.05 -6.31 -13.65
C GLN A 779 -17.65 -4.98 -13.05
N ASP A 780 -17.67 -3.93 -13.86
CA ASP A 780 -17.20 -2.59 -13.46
C ASP A 780 -18.27 -1.52 -13.53
N GLY A 781 -18.20 -0.60 -12.59
CA GLY A 781 -19.10 0.53 -12.55
C GLY A 781 -18.55 1.64 -13.41
N SER A 782 -19.31 2.03 -14.42
CA SER A 782 -19.04 3.10 -15.40
C SER A 782 -19.11 4.46 -14.70
N CYS A 783 -17.97 5.22 -14.65
CA CYS A 783 -17.92 6.54 -14.02
C CYS A 783 -18.47 6.46 -12.61
N ASN A 784 -17.85 5.60 -11.80
CA ASN A 784 -18.27 5.29 -10.44
C ASN A 784 -18.36 6.50 -9.50
N GLY A 785 -17.52 7.51 -9.73
CA GLY A 785 -17.57 8.75 -8.95
C GLY A 785 -18.93 9.39 -9.12
N LEU A 786 -19.37 9.54 -10.40
CA LEU A 786 -20.66 10.11 -10.78
C LEU A 786 -21.82 9.23 -10.37
N GLN A 787 -21.62 7.91 -10.38
CA GLN A 787 -22.62 6.93 -9.93
C GLN A 787 -23.00 7.22 -8.48
N HIS A 788 -21.99 7.47 -7.61
CA HIS A 788 -22.18 7.82 -6.21
C HIS A 788 -22.88 9.16 -6.05
N TYR A 789 -22.49 10.16 -6.86
CA TYR A 789 -23.10 11.49 -6.84
C TYR A 789 -24.58 11.44 -7.26
N ALA A 790 -24.90 10.60 -8.27
CA ALA A 790 -26.28 10.43 -8.77
C ALA A 790 -27.15 9.80 -7.68
N ALA A 791 -26.57 8.90 -6.87
CA ALA A 791 -27.27 8.25 -5.76
C ALA A 791 -27.49 9.22 -4.58
N LEU A 792 -26.45 9.98 -4.18
CA LEU A 792 -26.47 10.94 -3.06
C LEU A 792 -27.53 12.01 -3.28
N GLY A 793 -27.55 12.57 -4.50
CA GLY A 793 -28.50 13.62 -4.88
C GLY A 793 -29.79 13.11 -5.47
N ARG A 794 -29.97 11.76 -5.54
CA ARG A 794 -31.13 11.06 -6.14
C ARG A 794 -31.52 11.67 -7.51
N ASP A 795 -30.49 12.08 -8.27
CA ASP A 795 -30.63 12.75 -9.56
C ASP A 795 -31.07 11.77 -10.64
N SER A 796 -32.23 12.04 -11.27
CA SER A 796 -32.78 11.18 -12.32
C SER A 796 -31.98 11.26 -13.64
N VAL A 797 -31.59 12.48 -14.04
CA VAL A 797 -30.80 12.73 -15.27
C VAL A 797 -29.42 12.09 -15.16
N GLY A 798 -28.80 12.25 -14.01
CA GLY A 798 -27.48 11.71 -13.70
C GLY A 798 -27.52 10.20 -13.59
N ALA A 799 -28.51 9.65 -12.83
CA ALA A 799 -28.71 8.21 -12.63
C ALA A 799 -28.93 7.48 -13.96
N ALA A 800 -29.59 8.14 -14.93
CA ALA A 800 -29.82 7.58 -16.26
C ALA A 800 -28.49 7.51 -17.04
N SER A 801 -27.71 8.62 -17.06
CA SER A 801 -26.43 8.73 -17.75
C SER A 801 -25.39 7.67 -17.36
N VAL A 802 -25.28 7.35 -16.05
CA VAL A 802 -24.28 6.44 -15.50
C VAL A 802 -24.87 5.07 -15.01
N ASN A 803 -25.95 4.65 -15.65
CA ASN A 803 -26.57 3.32 -15.55
C ASN A 803 -27.11 2.91 -14.15
N LEU A 804 -27.58 3.88 -13.36
CA LEU A 804 -28.24 3.55 -12.09
C LEU A 804 -29.67 3.16 -12.43
N GLU A 805 -30.26 3.87 -13.41
CA GLU A 805 -31.60 3.63 -13.91
C GLU A 805 -31.54 2.47 -14.91
N PRO A 806 -32.39 1.42 -14.79
CA PRO A 806 -32.35 0.33 -15.77
C PRO A 806 -32.60 0.79 -17.22
N SER A 807 -31.94 0.13 -18.17
CA SER A 807 -32.03 0.32 -19.62
C SER A 807 -31.62 -1.00 -20.23
N ASP A 808 -32.10 -1.32 -21.43
CA ASP A 808 -31.68 -2.57 -22.07
C ASP A 808 -30.31 -2.46 -22.74
N VAL A 809 -29.86 -1.22 -22.98
CA VAL A 809 -28.56 -0.93 -23.58
C VAL A 809 -27.70 -0.10 -22.59
N PRO A 810 -26.35 -0.29 -22.55
CA PRO A 810 -25.54 0.56 -21.67
C PRO A 810 -25.46 2.02 -22.13
N GLN A 811 -25.46 2.92 -21.16
CA GLN A 811 -25.35 4.36 -21.33
C GLN A 811 -23.87 4.71 -21.15
N ASP A 812 -23.25 5.31 -22.17
CA ASP A 812 -21.84 5.70 -22.19
C ASP A 812 -21.73 7.22 -22.04
N VAL A 813 -21.27 7.68 -20.86
CA VAL A 813 -21.12 9.10 -20.59
C VAL A 813 -19.94 9.67 -21.42
N TYR A 814 -18.94 8.83 -21.72
CA TYR A 814 -17.77 9.23 -22.49
C TYR A 814 -18.13 9.63 -23.92
N SER A 815 -19.08 8.90 -24.51
CA SER A 815 -19.55 9.13 -25.87
C SER A 815 -20.45 10.34 -25.85
N GLY A 816 -21.27 10.44 -24.78
CA GLY A 816 -22.16 11.55 -24.50
C GLY A 816 -21.41 12.87 -24.44
N VAL A 817 -20.24 12.88 -23.75
CA VAL A 817 -19.41 14.07 -23.66
C VAL A 817 -18.78 14.40 -25.03
N ALA A 818 -18.17 13.40 -25.70
CA ALA A 818 -17.54 13.59 -27.00
C ALA A 818 -18.48 14.15 -28.09
N ALA A 819 -19.74 13.70 -28.10
CA ALA A 819 -20.78 14.11 -29.04
C ALA A 819 -21.14 15.59 -28.82
N GLN A 820 -21.37 15.96 -27.55
CA GLN A 820 -21.71 17.30 -27.11
C GLN A 820 -20.56 18.30 -27.44
N VAL A 821 -19.30 17.90 -27.18
CA VAL A 821 -18.09 18.69 -27.46
C VAL A 821 -17.98 18.96 -28.98
N GLU A 822 -18.30 17.94 -29.83
CA GLU A 822 -18.34 18.09 -31.28
C GLU A 822 -19.39 19.13 -31.69
N VAL A 823 -20.58 19.14 -31.04
CA VAL A 823 -21.62 20.15 -31.37
C VAL A 823 -21.08 21.54 -31.00
N PHE A 824 -20.39 21.69 -29.86
CA PHE A 824 -19.75 22.95 -29.42
C PHE A 824 -18.68 23.38 -30.43
N ARG A 825 -17.83 22.42 -30.87
CA ARG A 825 -16.77 22.63 -31.86
C ARG A 825 -17.34 23.12 -33.20
N ARG A 826 -18.49 22.55 -33.64
CA ARG A 826 -19.16 22.93 -34.88
C ARG A 826 -19.68 24.37 -34.80
N GLN A 827 -20.14 24.80 -33.61
CA GLN A 827 -20.66 26.16 -33.37
C GLN A 827 -19.50 27.16 -33.44
N ASP A 828 -18.40 26.86 -32.71
CA ASP A 828 -17.19 27.68 -32.61
C ASP A 828 -16.46 27.82 -33.95
N ALA A 829 -16.39 26.72 -34.74
CA ALA A 829 -15.80 26.73 -36.08
C ALA A 829 -16.55 27.67 -37.01
N GLN A 830 -17.89 27.75 -36.87
CA GLN A 830 -18.72 28.66 -37.67
C GLN A 830 -18.59 30.12 -37.21
N ARG A 831 -18.31 30.33 -35.91
CA ARG A 831 -18.09 31.60 -35.22
C ARG A 831 -16.79 32.25 -35.75
N GLY A 832 -15.86 31.41 -36.23
CA GLY A 832 -14.58 31.84 -36.77
C GLY A 832 -13.36 31.25 -36.08
N MET A 833 -13.58 30.55 -34.96
CA MET A 833 -12.52 29.97 -34.13
C MET A 833 -11.66 28.96 -34.87
N ARG A 834 -10.36 29.30 -34.96
CA ARG A 834 -9.28 28.55 -35.62
C ARG A 834 -9.09 27.14 -35.07
N VAL A 835 -8.99 26.97 -33.73
CA VAL A 835 -8.84 25.62 -33.13
C VAL A 835 -10.02 24.70 -33.40
N ALA A 836 -11.25 25.25 -33.40
CA ALA A 836 -12.43 24.42 -33.62
C ALA A 836 -12.42 23.91 -35.05
N GLN A 837 -11.97 24.74 -36.00
CA GLN A 837 -11.81 24.39 -37.42
C GLN A 837 -10.76 23.27 -37.68
N VAL A 838 -9.65 23.22 -36.89
CA VAL A 838 -8.65 22.17 -37.09
C VAL A 838 -9.06 20.85 -36.43
N LEU A 839 -9.91 20.94 -35.38
CA LEU A 839 -10.38 19.80 -34.59
C LEU A 839 -11.52 19.01 -35.24
N GLU A 840 -11.93 19.37 -36.47
CA GLU A 840 -13.00 18.69 -37.20
C GLU A 840 -12.60 17.20 -37.44
N GLY A 841 -13.42 16.29 -36.95
CA GLY A 841 -13.17 14.85 -37.08
C GLY A 841 -12.19 14.23 -36.10
N PHE A 842 -11.79 14.98 -35.05
CA PHE A 842 -10.87 14.47 -34.04
C PHE A 842 -11.51 14.27 -32.67
N ILE A 843 -12.73 14.80 -32.45
CA ILE A 843 -13.42 14.65 -31.16
C ILE A 843 -13.95 13.23 -31.07
N THR A 844 -13.24 12.41 -30.30
CA THR A 844 -13.59 11.01 -30.10
C THR A 844 -13.65 10.68 -28.61
N ARG A 845 -14.30 9.54 -28.30
CA ARG A 845 -14.45 8.98 -26.97
C ARG A 845 -13.06 8.84 -26.30
N LYS A 846 -12.09 8.23 -27.01
CA LYS A 846 -10.72 8.03 -26.53
C LYS A 846 -10.06 9.32 -26.05
N VAL A 847 -10.23 10.42 -26.82
CA VAL A 847 -9.68 11.76 -26.52
C VAL A 847 -10.19 12.32 -25.17
N VAL A 848 -11.49 12.18 -24.87
CA VAL A 848 -12.11 12.76 -23.68
C VAL A 848 -12.22 11.81 -22.47
N LYS A 849 -12.25 10.49 -22.71
CA LYS A 849 -12.51 9.43 -21.72
C LYS A 849 -11.86 9.64 -20.34
N GLN A 850 -10.51 9.76 -20.26
CA GLN A 850 -9.81 9.89 -18.98
C GLN A 850 -10.23 11.11 -18.18
N THR A 851 -10.45 12.25 -18.88
CA THR A 851 -10.87 13.52 -18.29
C THR A 851 -12.28 13.38 -17.72
N VAL A 852 -13.24 12.83 -18.50
CA VAL A 852 -14.62 12.61 -18.06
C VAL A 852 -14.61 11.75 -16.80
N MET A 853 -13.75 10.74 -16.79
CA MET A 853 -13.59 9.79 -15.71
C MET A 853 -13.00 10.33 -14.41
N THR A 854 -11.98 11.19 -14.52
CA THR A 854 -11.19 11.66 -13.38
C THR A 854 -11.52 13.08 -12.85
N VAL A 855 -12.40 13.83 -13.54
CA VAL A 855 -12.77 15.19 -13.10
C VAL A 855 -13.51 15.10 -11.77
N VAL A 856 -14.31 14.02 -11.58
CA VAL A 856 -15.07 13.73 -10.36
C VAL A 856 -14.11 13.42 -9.19
N TYR A 857 -12.87 13.00 -9.53
CA TYR A 857 -11.81 12.65 -8.60
C TYR A 857 -10.81 13.81 -8.42
N GLY A 858 -11.23 15.01 -8.78
CA GLY A 858 -10.43 16.22 -8.58
C GLY A 858 -9.61 16.78 -9.72
N VAL A 859 -9.57 16.12 -10.89
CA VAL A 859 -8.85 16.66 -12.05
C VAL A 859 -9.36 18.06 -12.39
N THR A 860 -8.41 18.99 -12.58
CA THR A 860 -8.64 20.40 -12.91
C THR A 860 -8.43 20.60 -14.41
N ARG A 861 -8.70 21.81 -14.92
CA ARG A 861 -8.50 22.15 -16.32
C ARG A 861 -7.01 22.02 -16.74
N TYR A 862 -6.07 22.30 -15.80
CA TYR A 862 -4.61 22.14 -16.02
C TYR A 862 -4.27 20.68 -16.24
N GLY A 863 -4.67 19.83 -15.30
CA GLY A 863 -4.44 18.39 -15.34
C GLY A 863 -5.12 17.74 -16.52
N GLY A 864 -6.33 18.21 -16.83
CA GLY A 864 -7.14 17.72 -17.94
C GLY A 864 -6.54 18.07 -19.29
N ARG A 865 -5.94 19.28 -19.42
CA ARG A 865 -5.28 19.68 -20.67
C ARG A 865 -4.14 18.69 -21.02
N LEU A 866 -3.36 18.27 -20.00
CA LEU A 866 -2.26 17.33 -20.13
C LEU A 866 -2.71 15.93 -20.57
N GLN A 867 -3.87 15.46 -20.04
CA GLN A 867 -4.46 14.18 -20.41
C GLN A 867 -4.90 14.20 -21.88
N ILE A 868 -5.50 15.32 -22.32
CA ILE A 868 -5.97 15.46 -23.71
C ILE A 868 -4.76 15.60 -24.67
N GLU A 869 -3.71 16.35 -24.26
CA GLU A 869 -2.45 16.51 -25.00
C GLU A 869 -1.88 15.13 -25.43
N LYS A 870 -1.74 14.18 -24.46
CA LYS A 870 -1.29 12.80 -24.68
C LYS A 870 -2.09 12.10 -25.79
N ARG A 871 -3.41 12.30 -25.81
CA ARG A 871 -4.30 11.67 -26.80
C ARG A 871 -4.20 12.35 -28.16
N LEU A 872 -3.85 13.65 -28.17
CA LEU A 872 -3.72 14.38 -29.44
C LEU A 872 -2.41 14.02 -30.13
N ARG A 873 -1.31 13.94 -29.33
CA ARG A 873 0.03 13.62 -29.79
C ARG A 873 0.16 12.23 -30.47
N GLU A 874 -0.76 11.30 -30.15
CA GLU A 874 -0.78 9.94 -30.69
C GLU A 874 -1.67 9.77 -31.92
N LEU A 875 -2.14 10.88 -32.52
CA LEU A 875 -3.09 10.83 -33.63
C LEU A 875 -2.50 10.81 -35.04
N SER A 876 -1.28 11.36 -35.26
CA SER A 876 -0.53 11.41 -36.55
C SER A 876 -1.20 12.30 -37.62
N ASP A 877 -2.52 12.12 -37.87
CA ASP A 877 -3.31 12.92 -38.80
C ASP A 877 -3.53 14.32 -38.21
N PHE A 878 -3.54 14.41 -36.85
CA PHE A 878 -3.74 15.69 -36.16
C PHE A 878 -2.50 16.60 -36.26
N PRO A 879 -2.67 17.85 -36.81
CA PRO A 879 -1.54 18.80 -36.91
C PRO A 879 -0.98 19.23 -35.55
N GLN A 880 0.15 18.61 -35.17
CA GLN A 880 0.90 18.78 -33.92
C GLN A 880 1.33 20.21 -33.57
N GLU A 881 1.12 21.18 -34.48
CA GLU A 881 1.40 22.61 -34.27
C GLU A 881 0.36 23.14 -33.26
N PHE A 882 -0.89 22.58 -33.36
CA PHE A 882 -2.08 22.92 -32.60
C PHE A 882 -2.34 22.14 -31.31
N VAL A 883 -1.45 21.21 -30.90
CA VAL A 883 -1.65 20.35 -29.72
C VAL A 883 -1.95 21.19 -28.45
N TRP A 884 -1.26 22.33 -28.21
CA TRP A 884 -1.55 23.15 -27.03
C TRP A 884 -2.92 23.83 -27.09
N GLU A 885 -3.20 24.58 -28.16
CA GLU A 885 -4.47 25.30 -28.25
C GLU A 885 -5.67 24.36 -28.34
N ALA A 886 -5.49 23.16 -28.95
CA ALA A 886 -6.54 22.16 -29.08
C ALA A 886 -6.87 21.48 -27.76
N SER A 887 -5.86 21.13 -26.96
CA SER A 887 -6.09 20.51 -25.66
C SER A 887 -6.67 21.54 -24.66
N HIS A 888 -6.24 22.82 -24.75
CA HIS A 888 -6.74 23.92 -23.94
C HIS A 888 -8.22 24.18 -24.25
N TYR A 889 -8.59 24.13 -25.55
CA TYR A 889 -9.96 24.30 -25.99
C TYR A 889 -10.82 23.11 -25.56
N LEU A 890 -10.32 21.88 -25.79
CA LEU A 890 -11.04 20.65 -25.48
C LEU A 890 -11.35 20.47 -24.00
N VAL A 891 -10.39 20.81 -23.11
CA VAL A 891 -10.59 20.65 -21.66
C VAL A 891 -11.71 21.59 -21.14
N ARG A 892 -11.80 22.85 -21.66
CA ARG A 892 -12.85 23.80 -21.28
C ARG A 892 -14.19 23.26 -21.77
N GLN A 893 -14.20 22.66 -22.98
CA GLN A 893 -15.41 22.11 -23.59
C GLN A 893 -15.89 20.88 -22.86
N VAL A 894 -14.95 20.04 -22.40
CA VAL A 894 -15.24 18.83 -21.63
C VAL A 894 -15.86 19.23 -20.29
N PHE A 895 -15.25 20.18 -19.57
CA PHE A 895 -15.76 20.71 -18.30
C PHE A 895 -17.15 21.32 -18.47
N LYS A 896 -17.38 22.10 -19.55
CA LYS A 896 -18.67 22.72 -19.89
C LYS A 896 -19.76 21.66 -20.08
N SER A 897 -19.46 20.57 -20.82
CA SER A 897 -20.40 19.47 -21.06
C SER A 897 -20.82 18.80 -19.76
N LEU A 898 -19.82 18.49 -18.92
CA LEU A 898 -20.01 17.85 -17.62
C LEU A 898 -20.85 18.70 -16.68
N GLN A 899 -20.63 20.03 -16.66
CA GLN A 899 -21.39 20.93 -15.79
C GLN A 899 -22.87 20.98 -16.18
N GLU A 900 -23.17 20.79 -17.49
CA GLU A 900 -24.52 20.77 -18.05
C GLU A 900 -25.17 19.42 -17.79
N MET A 901 -24.47 18.32 -18.13
CA MET A 901 -24.95 16.95 -17.95
C MET A 901 -25.18 16.56 -16.49
N PHE A 902 -24.38 17.14 -15.57
CA PHE A 902 -24.43 16.79 -14.17
C PHE A 902 -24.64 18.00 -13.25
N SER A 903 -25.70 18.78 -13.53
CA SER A 903 -26.10 19.98 -12.78
C SER A 903 -26.35 19.66 -11.31
N GLY A 904 -27.01 18.51 -11.05
CA GLY A 904 -27.31 18.01 -9.71
C GLY A 904 -26.06 17.74 -8.90
N THR A 905 -25.12 16.97 -9.49
CA THR A 905 -23.81 16.65 -8.91
C THR A 905 -23.10 17.95 -8.50
N ARG A 906 -23.03 18.94 -9.44
CA ARG A 906 -22.40 20.27 -9.30
C ARG A 906 -22.79 20.95 -7.98
N ALA A 907 -24.07 20.83 -7.58
CA ALA A 907 -24.60 21.39 -6.33
C ALA A 907 -23.96 20.71 -5.10
N ILE A 908 -23.86 19.35 -5.12
CA ILE A 908 -23.25 18.59 -4.01
C ILE A 908 -21.75 18.89 -3.95
N GLN A 909 -21.05 18.87 -5.12
CA GLN A 909 -19.62 19.20 -5.21
C GLN A 909 -19.38 20.59 -4.60
N HIS A 910 -20.21 21.59 -4.98
CA HIS A 910 -20.12 22.95 -4.45
C HIS A 910 -20.37 23.03 -2.93
N TRP A 911 -21.30 22.19 -2.41
CA TRP A 911 -21.61 22.15 -0.97
C TRP A 911 -20.44 21.62 -0.15
N LEU A 912 -19.83 20.49 -0.58
CA LEU A 912 -18.69 19.84 0.07
C LEU A 912 -17.45 20.73 0.02
N THR A 913 -17.14 21.34 -1.16
CA THR A 913 -16.01 22.25 -1.39
C THR A 913 -16.09 23.47 -0.44
N GLU A 914 -17.28 24.10 -0.37
CA GLU A 914 -17.52 25.27 0.48
C GLU A 914 -17.42 24.92 1.96
N SER A 915 -18.03 23.79 2.38
CA SER A 915 -17.98 23.32 3.77
C SER A 915 -16.54 23.10 4.23
N ALA A 916 -15.70 22.46 3.38
CA ALA A 916 -14.29 22.19 3.62
C ALA A 916 -13.48 23.50 3.71
N ARG A 917 -13.71 24.45 2.77
CA ARG A 917 -13.05 25.76 2.71
C ARG A 917 -13.18 26.49 4.06
N LEU A 918 -14.40 26.49 4.63
CA LEU A 918 -14.68 27.15 5.91
C LEU A 918 -14.08 26.39 7.10
N ILE A 919 -14.12 25.03 7.11
CA ILE A 919 -13.54 24.21 8.18
C ILE A 919 -12.02 24.45 8.23
N SER A 920 -11.36 24.44 7.05
CA SER A 920 -9.92 24.66 6.93
C SER A 920 -9.51 26.09 7.27
N HIS A 921 -10.36 27.09 6.93
CA HIS A 921 -10.12 28.51 7.21
C HIS A 921 -10.05 28.79 8.72
N MET A 922 -10.68 27.92 9.53
CA MET A 922 -10.68 28.00 10.99
C MET A 922 -9.47 27.29 11.59
N GLY A 923 -8.54 26.85 10.75
CA GLY A 923 -7.31 26.17 11.16
C GLY A 923 -7.46 24.73 11.60
N SER A 924 -8.48 24.03 11.08
CA SER A 924 -8.73 22.62 11.41
C SER A 924 -8.94 21.76 10.15
N VAL A 925 -8.30 20.59 10.11
CA VAL A 925 -8.44 19.68 8.97
C VAL A 925 -9.82 19.01 8.96
N VAL A 926 -10.33 18.69 7.76
CA VAL A 926 -11.62 18.01 7.56
C VAL A 926 -11.51 16.53 8.02
N GLU A 927 -12.37 16.12 8.95
CA GLU A 927 -12.48 14.76 9.50
C GLU A 927 -13.91 14.31 9.34
N TRP A 928 -14.13 13.03 9.04
CA TRP A 928 -15.46 12.41 8.95
C TRP A 928 -15.37 10.91 9.28
N VAL A 929 -16.52 10.22 9.33
CA VAL A 929 -16.56 8.78 9.58
C VAL A 929 -17.39 8.07 8.49
N THR A 930 -16.82 7.02 7.85
CA THR A 930 -17.51 6.26 6.79
C THR A 930 -18.75 5.55 7.34
N PRO A 931 -19.78 5.24 6.49
CA PRO A 931 -20.95 4.49 7.01
C PRO A 931 -20.62 3.11 7.61
N LEU A 932 -19.34 2.65 7.46
CA LEU A 932 -18.84 1.39 8.01
C LEU A 932 -17.97 1.58 9.25
N GLY A 933 -17.94 2.80 9.79
CA GLY A 933 -17.22 3.15 11.00
C GLY A 933 -15.73 3.42 10.90
N VAL A 934 -15.22 3.75 9.70
CA VAL A 934 -13.81 4.06 9.51
C VAL A 934 -13.62 5.57 9.62
N PRO A 935 -12.80 6.09 10.55
CA PRO A 935 -12.58 7.54 10.61
C PRO A 935 -11.58 7.98 9.55
N VAL A 936 -11.91 9.04 8.80
CA VAL A 936 -11.05 9.60 7.76
C VAL A 936 -10.63 11.04 8.15
N ILE A 937 -9.32 11.34 8.01
CA ILE A 937 -8.70 12.64 8.29
C ILE A 937 -7.84 13.03 7.08
N GLN A 938 -8.04 14.27 6.58
CA GLN A 938 -7.24 14.78 5.47
C GLN A 938 -5.89 15.26 6.02
N PRO A 939 -4.75 14.76 5.49
CA PRO A 939 -3.45 15.13 6.10
C PRO A 939 -2.86 16.45 5.64
N TYR A 940 -3.47 17.08 4.62
CA TYR A 940 -3.01 18.31 3.99
C TYR A 940 -2.84 19.44 4.95
N ARG A 941 -1.57 19.73 5.26
CA ARG A 941 -1.15 20.81 6.16
C ARG A 941 0.09 21.46 5.54
N LEU A 942 0.46 22.65 6.03
CA LEU A 942 1.63 23.36 5.53
C LEU A 942 2.60 23.72 6.63
N ASP A 943 3.92 23.58 6.36
CA ASP A 943 4.99 23.89 7.32
C ASP A 943 5.20 25.40 7.46
N SER A 965 2.08 24.34 15.78
CA SER A 965 1.84 23.22 14.85
C SER A 965 1.68 23.70 13.39
N ARG A 966 1.57 22.73 12.45
CA ARG A 966 1.41 22.97 11.01
C ARG A 966 -0.04 23.29 10.69
N LYS A 967 -0.31 24.49 10.13
CA LYS A 967 -1.64 24.97 9.76
C LYS A 967 -2.23 24.18 8.58
N PRO A 968 -3.55 23.94 8.52
CA PRO A 968 -4.12 23.19 7.39
C PRO A 968 -3.96 23.89 6.04
N ASN A 969 -3.60 23.12 5.00
CA ASN A 969 -3.46 23.61 3.63
C ASN A 969 -4.87 23.70 3.04
N THR A 970 -5.50 24.87 3.22
CA THR A 970 -6.87 25.21 2.83
C THR A 970 -7.22 24.84 1.37
N ARG A 971 -6.28 25.02 0.41
CA ARG A 971 -6.50 24.70 -1.01
C ARG A 971 -6.67 23.19 -1.20
N LYS A 972 -5.70 22.38 -0.72
CA LYS A 972 -5.75 20.93 -0.80
C LYS A 972 -6.93 20.35 0.01
N GLN A 973 -7.23 20.95 1.19
CA GLN A 973 -8.36 20.53 2.04
C GLN A 973 -9.71 20.72 1.31
N LYS A 974 -9.95 21.91 0.70
CA LYS A 974 -11.20 22.20 -0.01
C LYS A 974 -11.34 21.39 -1.33
N ASN A 975 -10.29 21.38 -2.17
CA ASN A 975 -10.27 20.64 -3.44
C ASN A 975 -10.26 19.13 -3.27
N GLY A 976 -9.67 18.65 -2.18
CA GLY A 976 -9.52 17.23 -1.88
C GLY A 976 -10.69 16.59 -1.18
N PHE A 977 -11.53 17.37 -0.45
CA PHE A 977 -12.68 16.81 0.27
C PHE A 977 -13.71 16.14 -0.65
N PRO A 978 -14.33 16.76 -1.70
CA PRO A 978 -15.30 16.01 -2.50
C PRO A 978 -14.75 14.69 -3.10
N PRO A 979 -13.54 14.63 -3.74
CA PRO A 979 -13.02 13.33 -4.22
C PRO A 979 -12.80 12.30 -3.12
N ASN A 980 -12.13 12.70 -2.02
CA ASN A 980 -11.86 11.84 -0.85
C ASN A 980 -13.16 11.32 -0.22
N PHE A 981 -14.18 12.20 -0.07
CA PHE A 981 -15.50 11.80 0.45
C PHE A 981 -16.14 10.73 -0.45
N ILE A 982 -16.07 10.92 -1.79
CA ILE A 982 -16.60 9.99 -2.79
C ILE A 982 -15.86 8.67 -2.74
N HIS A 983 -14.52 8.73 -2.62
CA HIS A 983 -13.70 7.55 -2.51
C HIS A 983 -14.05 6.73 -1.28
N SER A 984 -14.26 7.36 -0.12
CA SER A 984 -14.65 6.64 1.10
C SER A 984 -16.00 5.93 0.96
N LEU A 985 -16.86 6.39 0.04
CA LEU A 985 -18.16 5.76 -0.20
C LEU A 985 -17.98 4.56 -1.14
N ASP A 986 -17.18 4.73 -2.22
CA ASP A 986 -16.94 3.64 -3.16
C ASP A 986 -16.23 2.51 -2.44
N SER A 987 -15.31 2.88 -1.54
CA SER A 987 -14.56 1.97 -0.67
C SER A 987 -15.52 1.19 0.24
N SER A 988 -16.49 1.88 0.86
CA SER A 988 -17.51 1.28 1.71
C SER A 988 -18.36 0.31 0.89
N HIS A 989 -18.75 0.71 -0.35
CA HIS A 989 -19.53 -0.14 -1.27
C HIS A 989 -18.79 -1.44 -1.59
N MET A 990 -17.51 -1.34 -1.99
CA MET A 990 -16.64 -2.48 -2.28
C MET A 990 -16.57 -3.44 -1.09
N MET A 991 -16.33 -2.88 0.13
CA MET A 991 -16.18 -3.66 1.35
C MET A 991 -17.43 -4.44 1.67
N LEU A 992 -18.62 -3.79 1.59
CA LEU A 992 -19.91 -4.46 1.81
C LEU A 992 -20.15 -5.60 0.81
N THR A 993 -19.84 -5.37 -0.48
CA THR A 993 -19.96 -6.36 -1.55
C THR A 993 -19.06 -7.57 -1.23
N ALA A 994 -17.78 -7.33 -0.87
CA ALA A 994 -16.83 -8.39 -0.51
C ALA A 994 -17.36 -9.26 0.66
N LEU A 995 -17.72 -8.61 1.78
CA LEU A 995 -18.22 -9.24 3.00
C LEU A 995 -19.45 -10.10 2.79
N HIS A 996 -20.41 -9.62 2.00
CA HIS A 996 -21.65 -10.34 1.70
C HIS A 996 -21.49 -11.46 0.67
N CYS A 997 -20.55 -11.30 -0.29
CA CYS A 997 -20.21 -12.31 -1.29
C CYS A 997 -19.53 -13.47 -0.60
N TYR A 998 -18.76 -13.19 0.46
CA TYR A 998 -18.04 -14.19 1.22
C TYR A 998 -19.01 -15.15 1.93
N ARG A 999 -20.12 -14.62 2.46
CA ARG A 999 -21.15 -15.41 3.17
C ARG A 999 -21.79 -16.42 2.22
N LYS A 1000 -21.89 -16.04 0.93
CA LYS A 1000 -22.48 -16.82 -0.16
C LYS A 1000 -21.45 -17.75 -0.83
N GLY A 1001 -20.23 -17.78 -0.28
CA GLY A 1001 -19.13 -18.62 -0.74
C GLY A 1001 -18.36 -18.18 -1.97
N LEU A 1002 -18.40 -16.88 -2.33
CA LEU A 1002 -17.69 -16.37 -3.51
C LEU A 1002 -16.25 -15.94 -3.23
N THR A 1003 -15.39 -16.06 -4.24
CA THR A 1003 -14.02 -15.54 -4.24
C THR A 1003 -14.20 -14.14 -4.80
N PHE A 1004 -13.82 -13.13 -4.04
CA PHE A 1004 -14.00 -11.78 -4.50
C PHE A 1004 -12.72 -10.95 -4.37
N VAL A 1005 -12.32 -10.31 -5.48
CA VAL A 1005 -11.24 -9.32 -5.54
C VAL A 1005 -11.80 -8.10 -6.27
N SER A 1006 -11.15 -6.96 -6.12
CA SER A 1006 -11.57 -5.74 -6.79
C SER A 1006 -10.40 -4.85 -7.16
N VAL A 1007 -10.61 -3.98 -8.16
CA VAL A 1007 -9.73 -2.88 -8.56
C VAL A 1007 -10.59 -1.60 -8.41
N HIS A 1008 -10.98 -1.32 -7.16
CA HIS A 1008 -11.75 -0.17 -6.68
C HIS A 1008 -13.22 -0.16 -7.09
N ASP A 1009 -13.50 -0.10 -8.37
CA ASP A 1009 -14.88 -0.07 -8.83
C ASP A 1009 -15.10 -1.14 -9.91
N CYS A 1010 -14.12 -2.07 -9.99
CA CYS A 1010 -14.11 -3.22 -10.88
C CYS A 1010 -14.09 -4.42 -9.97
N TYR A 1011 -15.18 -5.20 -9.98
CA TYR A 1011 -15.32 -6.35 -9.09
C TYR A 1011 -15.10 -7.64 -9.83
N TRP A 1012 -14.29 -8.57 -9.27
CA TRP A 1012 -13.97 -9.84 -9.91
C TRP A 1012 -14.40 -11.06 -9.09
N THR A 1013 -14.80 -12.12 -9.79
CA THR A 1013 -15.19 -13.44 -9.27
C THR A 1013 -15.07 -14.46 -10.40
N HIS A 1014 -15.38 -15.73 -10.13
CA HIS A 1014 -15.33 -16.81 -11.11
C HIS A 1014 -16.53 -16.65 -12.01
N ALA A 1015 -16.45 -17.13 -13.27
CA ALA A 1015 -17.55 -17.04 -14.26
C ALA A 1015 -18.83 -17.71 -13.77
N ALA A 1016 -18.66 -18.71 -12.90
CA ALA A 1016 -19.71 -19.50 -12.27
C ALA A 1016 -20.57 -18.67 -11.32
N ASP A 1017 -20.04 -17.51 -10.85
CA ASP A 1017 -20.67 -16.73 -9.79
C ASP A 1017 -20.92 -15.27 -10.06
N VAL A 1018 -20.91 -14.85 -11.35
CA VAL A 1018 -21.10 -13.45 -11.75
C VAL A 1018 -22.51 -12.92 -11.36
N SER A 1019 -23.58 -13.72 -11.51
CA SER A 1019 -24.93 -13.26 -11.16
C SER A 1019 -25.07 -12.87 -9.70
N VAL A 1020 -24.61 -13.75 -8.78
CA VAL A 1020 -24.67 -13.50 -7.33
C VAL A 1020 -23.84 -12.25 -6.98
N MET A 1021 -22.62 -12.12 -7.53
CA MET A 1021 -21.80 -10.92 -7.29
C MET A 1021 -22.56 -9.66 -7.70
N ASN A 1022 -23.22 -9.66 -8.87
CA ASN A 1022 -24.00 -8.54 -9.35
C ASN A 1022 -25.22 -8.24 -8.44
N GLN A 1023 -25.89 -9.28 -7.92
CA GLN A 1023 -27.03 -9.14 -7.01
C GLN A 1023 -26.56 -8.40 -5.75
N VAL A 1024 -25.50 -8.94 -5.11
CA VAL A 1024 -24.84 -8.43 -3.91
C VAL A 1024 -24.36 -7.00 -4.14
N CYS A 1025 -23.63 -6.75 -5.24
CA CYS A 1025 -23.13 -5.43 -5.61
C CYS A 1025 -24.24 -4.35 -5.58
N ARG A 1026 -25.37 -4.62 -6.27
CA ARG A 1026 -26.54 -3.75 -6.37
C ARG A 1026 -27.27 -3.61 -5.05
N GLU A 1027 -27.53 -4.74 -4.34
CA GLU A 1027 -28.18 -4.75 -3.03
C GLU A 1027 -27.41 -3.84 -2.06
N GLN A 1028 -26.06 -4.02 -1.98
CA GLN A 1028 -25.17 -3.29 -1.08
C GLN A 1028 -25.02 -1.81 -1.43
N PHE A 1029 -25.15 -1.46 -2.72
CA PHE A 1029 -25.10 -0.06 -3.16
C PHE A 1029 -26.36 0.64 -2.62
N VAL A 1030 -27.54 0.04 -2.92
CA VAL A 1030 -28.86 0.48 -2.48
C VAL A 1030 -28.91 0.60 -0.95
N ARG A 1031 -28.38 -0.40 -0.21
CA ARG A 1031 -28.33 -0.41 1.27
C ARG A 1031 -27.48 0.76 1.82
N LEU A 1032 -26.30 0.99 1.21
CA LEU A 1032 -25.37 2.07 1.56
C LEU A 1032 -26.04 3.41 1.33
N HIS A 1033 -26.49 3.67 0.09
CA HIS A 1033 -27.09 4.95 -0.29
C HIS A 1033 -28.50 5.20 0.24
N SER A 1034 -29.21 4.15 0.77
CA SER A 1034 -30.55 4.29 1.35
C SER A 1034 -30.52 5.10 2.66
N GLU A 1035 -29.36 5.15 3.31
CA GLU A 1035 -29.08 5.91 4.52
C GLU A 1035 -29.02 7.41 4.17
N PRO A 1036 -29.28 8.36 5.11
CA PRO A 1036 -29.18 9.78 4.75
C PRO A 1036 -27.72 10.23 4.91
N ILE A 1037 -26.84 9.77 4.00
CA ILE A 1037 -25.39 9.99 4.02
C ILE A 1037 -25.03 11.48 4.13
N LEU A 1038 -25.60 12.35 3.28
CA LEU A 1038 -25.32 13.78 3.33
C LEU A 1038 -25.80 14.38 4.66
N GLN A 1039 -27.01 14.02 5.11
CA GLN A 1039 -27.62 14.46 6.37
C GLN A 1039 -26.77 14.07 7.58
N ASP A 1040 -26.34 12.79 7.65
CA ASP A 1040 -25.49 12.27 8.73
C ASP A 1040 -24.14 13.00 8.74
N LEU A 1041 -23.54 13.23 7.55
CA LEU A 1041 -22.26 13.94 7.38
C LEU A 1041 -22.39 15.38 7.88
N SER A 1042 -23.50 16.05 7.51
CA SER A 1042 -23.83 17.42 7.91
C SER A 1042 -23.96 17.49 9.44
N ARG A 1043 -24.76 16.58 10.04
CA ARG A 1043 -24.96 16.50 11.49
C ARG A 1043 -23.66 16.22 12.23
N PHE A 1044 -22.74 15.47 11.59
CA PHE A 1044 -21.43 15.17 12.17
C PHE A 1044 -20.57 16.43 12.20
N LEU A 1045 -20.42 17.10 11.03
CA LEU A 1045 -19.59 18.29 10.87
C LEU A 1045 -20.03 19.44 11.76
N VAL A 1046 -21.35 19.48 12.07
CA VAL A 1046 -21.98 20.44 12.96
C VAL A 1046 -21.50 20.15 14.39
N LYS A 1047 -21.53 18.88 14.83
CA LYS A 1047 -21.09 18.46 16.16
C LYS A 1047 -19.56 18.62 16.37
N ARG A 1048 -18.75 18.15 15.39
CA ARG A 1048 -17.29 18.15 15.44
C ARG A 1048 -16.62 19.55 15.23
N PHE A 1049 -17.24 20.45 14.45
CA PHE A 1049 -16.59 21.73 14.18
C PHE A 1049 -17.36 22.98 14.64
N CYS A 1050 -18.63 22.83 15.08
CA CYS A 1050 -19.44 23.95 15.57
C CYS A 1050 -19.73 23.82 17.09
N SER A 1051 -18.66 23.53 17.87
CA SER A 1051 -18.72 23.37 19.33
C SER A 1051 -17.87 24.43 20.08
N GLU A 1052 -16.95 25.10 19.36
CA GLU A 1052 -16.04 26.14 19.88
C GLU A 1052 -16.76 27.30 20.60
N PRO A 1053 -16.48 27.53 21.92
CA PRO A 1053 -17.16 28.62 22.65
C PRO A 1053 -16.85 30.04 22.19
N GLN A 1054 -15.63 30.26 21.67
CA GLN A 1054 -15.15 31.53 21.12
C GLN A 1054 -14.14 31.20 19.99
N LYS A 1055 -14.38 31.64 18.74
CA LYS A 1055 -15.46 32.53 18.27
C LYS A 1055 -16.71 31.75 17.78
N ILE A 1056 -17.90 32.37 17.96
CA ILE A 1056 -19.20 31.82 17.55
C ILE A 1056 -19.59 32.35 16.15
N LEU A 1057 -19.04 33.52 15.75
CA LEU A 1057 -19.28 34.18 14.46
C LEU A 1057 -18.83 33.32 13.25
N GLU A 1058 -17.64 32.68 13.33
CA GLU A 1058 -17.15 31.81 12.27
C GLU A 1058 -17.94 30.50 12.25
N ALA A 1059 -18.40 30.03 13.43
CA ALA A 1059 -19.18 28.80 13.57
C ALA A 1059 -20.63 28.99 13.11
N SER A 1060 -21.15 30.23 13.17
CA SER A 1060 -22.52 30.55 12.73
C SER A 1060 -22.59 30.56 11.20
N GLN A 1061 -21.52 31.05 10.55
CA GLN A 1061 -21.37 31.09 9.09
C GLN A 1061 -21.13 29.65 8.58
N LEU A 1062 -20.46 28.81 9.41
CA LEU A 1062 -20.20 27.42 9.10
C LEU A 1062 -21.47 26.60 9.21
N LYS A 1063 -22.21 26.71 10.36
CA LYS A 1063 -23.47 26.01 10.61
C LYS A 1063 -24.48 26.27 9.48
N GLU A 1064 -24.50 27.52 8.97
CA GLU A 1064 -25.35 28.00 7.88
C GLU A 1064 -25.06 27.27 6.56
N THR A 1065 -23.79 26.95 6.30
CA THR A 1065 -23.39 26.26 5.08
C THR A 1065 -23.50 24.73 5.20
N LEU A 1066 -23.23 24.16 6.40
CA LEU A 1066 -23.34 22.72 6.66
C LEU A 1066 -24.79 22.26 6.64
N GLN A 1067 -25.69 23.09 7.17
CA GLN A 1067 -27.13 22.77 7.19
C GLN A 1067 -27.80 23.04 5.84
N ALA A 1068 -27.06 23.65 4.89
CA ALA A 1068 -27.53 23.94 3.53
C ALA A 1068 -27.28 22.71 2.63
N VAL A 1069 -27.78 21.54 3.09
CA VAL A 1069 -27.69 20.23 2.44
C VAL A 1069 -28.53 20.29 1.16
N PRO A 1070 -27.95 20.01 -0.04
CA PRO A 1070 -28.75 20.08 -1.28
C PRO A 1070 -29.91 19.10 -1.24
N LYS A 1071 -31.09 19.53 -1.72
CA LYS A 1071 -32.28 18.68 -1.71
C LYS A 1071 -32.23 17.58 -2.76
N PRO A 1072 -32.63 16.35 -2.42
CA PRO A 1072 -32.55 15.25 -3.39
C PRO A 1072 -33.59 15.32 -4.50
N GLY A 1073 -33.29 14.67 -5.62
CA GLY A 1073 -34.14 14.58 -6.79
C GLY A 1073 -35.20 13.49 -6.68
N ALA A 1074 -35.77 13.11 -7.85
CA ALA A 1074 -36.86 12.14 -7.94
C ALA A 1074 -36.47 10.66 -7.96
N PHE A 1075 -35.30 10.31 -8.55
CA PHE A 1075 -34.81 8.94 -8.75
C PHE A 1075 -35.07 7.99 -7.58
N ASP A 1076 -35.63 6.80 -7.91
CA ASP A 1076 -35.94 5.74 -6.96
C ASP A 1076 -34.74 4.79 -6.92
N LEU A 1077 -33.90 4.96 -5.90
CA LEU A 1077 -32.67 4.20 -5.67
C LEU A 1077 -32.84 2.67 -5.77
N GLU A 1078 -34.04 2.16 -5.48
CA GLU A 1078 -34.39 0.73 -5.55
C GLU A 1078 -34.20 0.13 -6.95
N GLN A 1079 -34.26 1.00 -7.99
CA GLN A 1079 -34.11 0.63 -9.40
C GLN A 1079 -32.72 0.07 -9.75
N VAL A 1080 -31.68 0.44 -8.99
CA VAL A 1080 -30.30 -0.04 -9.18
C VAL A 1080 -30.27 -1.57 -9.17
N LYS A 1081 -31.12 -2.21 -8.34
CA LYS A 1081 -31.25 -3.66 -8.23
C LYS A 1081 -31.70 -4.32 -9.56
N ARG A 1082 -32.42 -3.56 -10.42
CA ARG A 1082 -32.95 -4.06 -11.69
C ARG A 1082 -32.14 -3.60 -12.91
N SER A 1083 -31.03 -2.85 -12.67
CA SER A 1083 -30.15 -2.27 -13.67
C SER A 1083 -29.01 -3.18 -14.09
N THR A 1084 -29.09 -3.71 -15.32
CA THR A 1084 -28.08 -4.59 -15.88
C THR A 1084 -26.70 -3.96 -16.01
N TYR A 1085 -26.60 -2.72 -16.50
CA TYR A 1085 -25.32 -2.08 -16.86
C TYR A 1085 -24.70 -1.19 -15.79
N PHE A 1086 -25.26 -1.19 -14.58
CA PHE A 1086 -24.76 -0.47 -13.42
C PHE A 1086 -23.28 -0.84 -13.23
N PHE A 1087 -23.00 -2.16 -13.12
CA PHE A 1087 -21.67 -2.80 -13.07
C PHE A 1087 -21.74 -3.88 -14.16
N SER A 1088 -20.98 -3.69 -15.26
CA SER A 1088 -21.01 -4.58 -16.42
C SER A 1088 -19.66 -4.61 -17.21
#